data_8XZZ
#
_entry.id   8XZZ
#
_cell.length_a   52.074
_cell.length_b   137.540
_cell.length_c   52.848
_cell.angle_alpha   90.00
_cell.angle_beta   97.83
_cell.angle_gamma   90.00
#
_symmetry.space_group_name_H-M   'P 1 21 1'
#
loop_
_entity.id
_entity.type
_entity.pdbx_description
1 polymer Endo-1,4-beta-xylanase
2 branched beta-D-xylopyranose-(1-4)-beta-D-xylopyranose
3 non-polymer 'ZINC ION'
4 non-polymer beta-D-xylopyranose
5 water water
#
_entity_poly.entity_id   1
_entity_poly.type   'polypeptide(L)'
_entity_poly.pdbx_seq_one_letter_code
;GAGAGAGAGAGMEITSSETGTNNGYYYSFWTDGGGQVTYTNGPAGQYSVEWSNSGNFVAGKGWNPGSSQTITYSGEWNPN
GNSYLSVYGWTQNPLVEYYIVESFSTYDPSTGAQELGTVETDDGTYKIYQTTRENAPSIEGTATFNQYWSVRTDHRVGGT
VTTQNHFDAWKNAGLEMGTHNYMIVATAGYQSSGSASITVQ
;
_entity_poly.pdbx_strand_id   A,B,C,D
#
loop_
_chem_comp.id
_chem_comp.type
_chem_comp.name
_chem_comp.formula
XYP D-saccharide, beta linking beta-D-xylopyranose 'C5 H10 O5'
ZN non-polymer 'ZINC ION' 'Zn 2'
#
# COMPACT_ATOMS: atom_id res chain seq x y z
N ALA A 6 -12.20 33.11 -14.11
CA ALA A 6 -12.40 34.15 -15.12
C ALA A 6 -13.47 35.13 -14.69
N GLY A 7 -14.13 34.80 -13.57
CA GLY A 7 -15.29 35.58 -13.15
C GLY A 7 -16.33 35.61 -14.26
N ALA A 8 -16.80 36.83 -14.58
CA ALA A 8 -17.70 36.97 -15.70
C ALA A 8 -17.04 36.46 -17.00
N GLY A 9 -15.73 36.69 -17.16
CA GLY A 9 -15.00 36.36 -18.38
C GLY A 9 -15.16 34.94 -18.91
N ALA A 10 -15.85 34.06 -18.17
CA ALA A 10 -16.03 32.68 -18.61
C ALA A 10 -16.98 32.61 -19.80
N GLY A 11 -16.65 31.75 -20.76
CA GLY A 11 -17.50 31.51 -21.90
C GLY A 11 -18.73 30.70 -21.52
N MET A 12 -19.46 30.27 -22.55
CA MET A 12 -20.67 29.49 -22.35
C MET A 12 -20.35 28.14 -21.71
N GLU A 13 -21.23 27.70 -20.82
CA GLU A 13 -21.01 26.45 -20.11
C GLU A 13 -21.14 25.26 -21.06
N ILE A 14 -20.18 24.35 -20.99
CA ILE A 14 -20.14 23.14 -21.80
C ILE A 14 -20.32 21.95 -20.86
N THR A 15 -21.27 21.06 -21.18
CA THR A 15 -21.55 19.93 -20.29
C THR A 15 -21.44 18.57 -20.96
N SER A 16 -21.11 18.52 -22.24
CA SER A 16 -20.83 17.27 -22.94
C SER A 16 -19.57 17.45 -23.76
N SER A 17 -18.97 16.31 -24.13
CA SER A 17 -17.64 16.28 -24.72
C SER A 17 -17.55 17.14 -25.97
N GLU A 18 -16.46 17.88 -26.09
CA GLU A 18 -16.26 18.85 -27.16
C GLU A 18 -14.77 19.19 -27.22
N THR A 19 -14.29 19.47 -28.43
CA THR A 19 -12.94 20.00 -28.62
C THR A 19 -12.99 21.21 -29.54
N GLY A 20 -11.95 22.01 -29.49
CA GLY A 20 -11.88 23.17 -30.37
C GLY A 20 -10.65 23.97 -30.07
N THR A 21 -10.62 25.19 -30.62
CA THR A 21 -9.55 26.13 -30.34
C THR A 21 -10.17 27.44 -29.91
N ASN A 22 -9.69 27.99 -28.78
CA ASN A 22 -10.32 29.14 -28.15
C ASN A 22 -9.19 30.08 -27.73
N ASN A 23 -9.24 31.32 -28.21
CA ASN A 23 -8.21 32.31 -27.87
C ASN A 23 -6.81 31.79 -28.16
N GLY A 24 -6.69 31.04 -29.26
CA GLY A 24 -5.42 30.51 -29.70
C GLY A 24 -4.98 29.22 -29.03
N TYR A 25 -5.73 28.71 -28.07
CA TYR A 25 -5.39 27.47 -27.40
C TYR A 25 -6.36 26.36 -27.79
N TYR A 26 -5.80 25.20 -28.14
CA TYR A 26 -6.62 24.00 -28.23
C TYR A 26 -7.25 23.70 -26.88
N TYR A 27 -8.49 23.22 -26.88
CA TYR A 27 -9.11 22.70 -25.66
C TYR A 27 -9.75 21.36 -25.95
N SER A 28 -9.68 20.46 -24.96
CA SER A 28 -10.38 19.18 -25.04
C SER A 28 -11.17 19.03 -23.75
N PHE A 29 -12.48 18.83 -23.89
CA PHE A 29 -13.33 18.48 -22.75
C PHE A 29 -13.93 17.11 -23.04
N TRP A 30 -13.68 16.14 -22.17
CA TRP A 30 -14.26 14.82 -22.36
C TRP A 30 -14.92 14.38 -21.08
N THR A 31 -16.16 13.91 -21.17
CA THR A 31 -16.80 13.31 -20.01
C THR A 31 -17.57 12.07 -20.44
N ASP A 32 -17.57 11.05 -19.59
CA ASP A 32 -18.37 9.87 -19.90
C ASP A 32 -19.85 10.07 -19.63
N GLY A 33 -20.24 11.24 -19.11
CA GLY A 33 -21.64 11.57 -18.88
C GLY A 33 -22.12 11.39 -17.45
N GLY A 34 -21.28 10.86 -16.57
CA GLY A 34 -21.70 10.64 -15.20
C GLY A 34 -21.81 11.94 -14.43
N GLY A 35 -22.79 12.00 -13.53
CA GLY A 35 -22.97 13.16 -12.66
C GLY A 35 -23.13 14.43 -13.46
N GLN A 36 -22.55 15.52 -12.95
CA GLN A 36 -22.58 16.80 -13.63
C GLN A 36 -21.16 17.35 -13.73
N VAL A 37 -20.73 17.65 -14.94
CA VAL A 37 -19.42 18.24 -15.18
C VAL A 37 -19.62 19.42 -16.11
N THR A 38 -19.17 20.60 -15.69
CA THR A 38 -19.39 21.84 -16.43
C THR A 38 -18.05 22.52 -16.68
N TYR A 39 -17.76 22.79 -17.95
CA TYR A 39 -16.47 23.30 -18.40
C TYR A 39 -16.69 24.65 -19.08
N THR A 40 -15.78 25.60 -18.83
CA THR A 40 -15.87 26.89 -19.51
C THR A 40 -14.48 27.34 -19.97
N ASN A 41 -14.43 27.94 -21.17
CA ASN A 41 -13.20 28.58 -21.65
C ASN A 41 -13.18 30.04 -21.21
N GLY A 42 -12.05 30.47 -20.68
CA GLY A 42 -11.83 31.86 -20.34
C GLY A 42 -10.88 32.54 -21.31
N PRO A 43 -10.51 33.79 -21.01
CA PRO A 43 -9.57 34.51 -21.88
C PRO A 43 -8.23 33.80 -21.93
N ALA A 44 -7.53 33.96 -23.06
CA ALA A 44 -6.16 33.46 -23.27
C ALA A 44 -6.11 31.96 -22.94
N GLY A 45 -5.20 31.50 -22.10
CA GLY A 45 -5.10 30.07 -21.85
C GLY A 45 -5.90 29.56 -20.66
N GLN A 46 -6.92 30.29 -20.23
CA GLN A 46 -7.71 29.96 -19.04
C GLN A 46 -8.84 29.00 -19.34
N TYR A 47 -9.08 28.07 -18.43
CA TYR A 47 -10.31 27.29 -18.40
C TYR A 47 -10.71 27.02 -16.96
N SER A 48 -12.00 26.78 -16.79
CA SER A 48 -12.56 26.37 -15.50
C SER A 48 -13.37 25.11 -15.68
N VAL A 49 -13.38 24.26 -14.66
CA VAL A 49 -14.23 23.08 -14.67
C VAL A 49 -14.78 22.91 -13.26
N GLU A 50 -16.06 22.55 -13.17
CA GLU A 50 -16.74 22.30 -11.92
C GLU A 50 -17.46 20.96 -12.04
N TRP A 51 -17.36 20.11 -11.02
CA TRP A 51 -17.98 18.80 -11.18
C TRP A 51 -18.59 18.30 -9.88
N SER A 52 -19.59 17.44 -10.03
CA SER A 52 -20.42 17.00 -8.91
C SER A 52 -20.78 15.53 -9.13
N ASN A 53 -20.29 14.66 -8.25
CA ASN A 53 -20.51 13.21 -8.34
C ASN A 53 -20.28 12.69 -9.75
N SER A 54 -19.11 13.04 -10.29
CA SER A 54 -18.79 12.82 -11.69
C SER A 54 -18.59 11.34 -12.00
N GLY A 55 -18.74 11.00 -13.27
CA GLY A 55 -18.08 9.82 -13.78
C GLY A 55 -16.63 10.16 -14.06
N ASN A 56 -16.08 9.60 -15.14
CA ASN A 56 -14.74 9.95 -15.61
C ASN A 56 -14.81 11.19 -16.48
N PHE A 57 -13.87 12.12 -16.27
CA PHE A 57 -13.77 13.26 -17.18
C PHE A 57 -12.32 13.71 -17.24
N VAL A 58 -11.97 14.40 -18.33
CA VAL A 58 -10.66 15.01 -18.52
C VAL A 58 -10.84 16.30 -19.29
N ALA A 59 -10.27 17.40 -18.79
CA ALA A 59 -10.52 18.66 -19.46
C ALA A 59 -9.30 19.58 -19.37
N GLY A 60 -9.05 20.32 -20.43
CA GLY A 60 -7.99 21.31 -20.34
C GLY A 60 -7.68 22.00 -21.64
N LYS A 61 -6.71 22.92 -21.56
CA LYS A 61 -6.25 23.71 -22.68
C LYS A 61 -4.78 23.45 -22.97
N GLY A 62 -4.40 23.62 -24.23
CA GLY A 62 -3.03 23.45 -24.63
C GLY A 62 -2.87 23.61 -26.13
N TRP A 63 -2.30 22.58 -26.76
CA TRP A 63 -1.88 22.65 -28.16
C TRP A 63 -2.29 21.36 -28.86
N ASN A 64 -2.54 21.47 -30.16
CA ASN A 64 -2.78 20.27 -30.95
C ASN A 64 -2.24 20.50 -32.35
N PRO A 65 -1.12 19.85 -32.74
CA PRO A 65 -0.41 18.89 -31.92
C PRO A 65 0.51 19.53 -30.89
N GLY A 66 0.82 18.79 -29.82
CA GLY A 66 1.89 19.21 -28.95
C GLY A 66 3.23 19.09 -29.65
N SER A 67 4.20 19.90 -29.21
CA SER A 67 5.55 19.82 -29.78
C SER A 67 6.59 19.92 -28.68
N SER A 68 6.36 19.19 -27.58
CA SER A 68 7.34 19.03 -26.51
C SER A 68 7.78 20.37 -25.91
N GLN A 69 6.88 21.33 -25.85
CA GLN A 69 7.30 22.62 -25.34
C GLN A 69 7.37 22.62 -23.82
N THR A 70 8.03 23.63 -23.30
CA THR A 70 8.09 23.88 -21.87
C THR A 70 6.85 24.66 -21.45
N ILE A 71 6.07 24.09 -20.54
CA ILE A 71 4.75 24.61 -20.20
C ILE A 71 4.85 25.37 -18.88
N THR A 72 4.25 26.55 -18.83
CA THR A 72 4.01 27.25 -17.57
C THR A 72 2.52 27.31 -17.33
N TYR A 73 2.09 26.94 -16.13
CA TYR A 73 0.67 27.01 -15.85
C TYR A 73 0.48 27.54 -14.44
N SER A 74 -0.71 28.08 -14.20
CA SER A 74 -1.05 28.74 -12.94
C SER A 74 -2.51 28.49 -12.63
N GLY A 75 -2.90 28.82 -11.39
CA GLY A 75 -4.29 28.76 -11.01
C GLY A 75 -4.54 27.98 -9.74
N GLU A 76 -5.73 27.38 -9.64
CA GLU A 76 -6.10 26.66 -8.44
C GLU A 76 -6.86 25.40 -8.83
N TRP A 77 -6.77 24.40 -7.96
CA TRP A 77 -7.30 23.07 -8.21
C TRP A 77 -7.84 22.58 -6.88
N ASN A 78 -9.16 22.45 -6.77
CA ASN A 78 -9.84 22.22 -5.50
C ASN A 78 -10.74 20.99 -5.57
N PRO A 79 -10.17 19.80 -5.60
CA PRO A 79 -10.99 18.58 -5.65
C PRO A 79 -11.50 18.20 -4.27
N ASN A 80 -12.63 17.51 -4.26
CA ASN A 80 -13.13 16.82 -3.08
C ASN A 80 -13.29 15.36 -3.52
N GLY A 81 -12.22 14.61 -3.41
CA GLY A 81 -12.18 13.24 -3.91
C GLY A 81 -11.20 13.12 -5.06
N ASN A 82 -11.31 12.00 -5.76
CA ASN A 82 -10.32 11.55 -6.75
C ASN A 82 -10.21 12.51 -7.93
N SER A 83 -9.02 13.10 -8.09
CA SER A 83 -8.78 14.04 -9.19
C SER A 83 -7.27 14.08 -9.44
N TYR A 84 -6.88 14.33 -10.69
CA TYR A 84 -5.47 14.53 -11.09
C TYR A 84 -5.34 15.89 -11.76
N LEU A 85 -4.20 16.56 -11.55
CA LEU A 85 -3.81 17.75 -12.29
C LEU A 85 -2.53 17.38 -13.03
N SER A 86 -2.55 17.40 -14.37
CA SER A 86 -1.43 16.85 -15.13
C SER A 86 -1.21 17.59 -16.42
N VAL A 87 0.02 17.49 -16.95
CA VAL A 87 0.22 17.69 -18.38
C VAL A 87 -0.15 16.36 -19.05
N TYR A 88 -1.07 16.42 -19.99
CA TYR A 88 -1.77 15.22 -20.45
C TYR A 88 -1.82 15.25 -21.97
N GLY A 89 -1.60 14.11 -22.60
CA GLY A 89 -1.77 14.11 -24.03
C GLY A 89 -1.67 12.72 -24.64
N TRP A 90 -1.55 12.72 -25.96
CA TRP A 90 -1.59 11.48 -26.74
C TRP A 90 -0.54 11.50 -27.82
N THR A 91 0.00 10.33 -28.14
CA THR A 91 0.68 10.12 -29.42
C THR A 91 -0.12 9.10 -30.24
N GLN A 92 0.14 9.08 -31.54
CA GLN A 92 -0.45 8.11 -32.44
C GLN A 92 0.65 7.29 -33.10
N ASN A 93 0.35 6.03 -33.38
CA ASN A 93 1.24 5.16 -34.15
C ASN A 93 2.64 5.10 -33.56
N PRO A 94 2.81 4.53 -32.35
CA PRO A 94 1.79 3.84 -31.57
C PRO A 94 0.90 4.79 -30.76
N LEU A 95 -0.33 4.35 -30.58
CA LEU A 95 -1.30 5.07 -29.74
C LEU A 95 -0.87 5.00 -28.28
N VAL A 96 -0.66 6.16 -27.66
CA VAL A 96 -0.19 6.24 -26.29
C VAL A 96 -0.93 7.37 -25.60
N GLU A 97 -1.39 7.10 -24.37
CA GLU A 97 -1.90 8.16 -23.50
C GLU A 97 -0.84 8.44 -22.45
N TYR A 98 -0.52 9.71 -22.21
CA TYR A 98 0.53 9.97 -21.22
C TYR A 98 0.12 11.06 -20.25
N TYR A 99 0.72 11.00 -19.05
CA TYR A 99 0.42 11.91 -17.94
C TYR A 99 1.70 12.32 -17.25
N ILE A 100 1.89 13.62 -17.11
CA ILE A 100 2.88 14.18 -16.19
C ILE A 100 2.08 14.74 -15.02
N VAL A 101 1.95 13.96 -13.95
CA VAL A 101 1.01 14.26 -12.89
C VAL A 101 1.68 15.20 -11.89
N GLU A 102 1.12 16.39 -11.76
CA GLU A 102 1.64 17.41 -10.86
C GLU A 102 1.08 17.25 -9.45
N SER A 103 -0.19 16.87 -9.37
CA SER A 103 -0.89 16.58 -8.12
C SER A 103 -1.91 15.48 -8.37
N PHE A 104 -2.09 14.59 -7.40
CA PHE A 104 -3.31 13.80 -7.31
C PHE A 104 -3.83 13.90 -5.90
N SER A 105 -5.11 13.59 -5.72
CA SER A 105 -5.70 13.80 -4.42
C SER A 105 -5.76 12.48 -3.65
N THR A 106 -6.80 11.68 -3.87
CA THR A 106 -7.06 10.54 -3.00
C THR A 106 -6.67 9.19 -3.59
N TYR A 107 -6.15 9.15 -4.82
CA TYR A 107 -5.84 7.89 -5.46
C TYR A 107 -4.62 8.09 -6.34
N ASP A 108 -3.60 7.26 -6.14
CA ASP A 108 -2.37 7.28 -6.94
C ASP A 108 -2.60 6.50 -8.23
N PRO A 109 -2.62 7.18 -9.38
CA PRO A 109 -2.92 6.50 -10.65
C PRO A 109 -1.87 5.49 -11.09
N SER A 110 -0.73 5.38 -10.43
CA SER A 110 0.29 4.40 -10.79
C SER A 110 0.14 3.08 -10.03
N THR A 111 -0.91 2.93 -9.23
CA THR A 111 -1.03 1.78 -8.34
C THR A 111 -0.99 0.47 -9.10
N GLY A 112 -0.18 -0.48 -8.60
CA GLY A 112 -0.07 -1.80 -9.18
C GLY A 112 0.94 -1.94 -10.30
N ALA A 113 1.60 -0.85 -10.69
CA ALA A 113 2.56 -0.85 -11.79
C ALA A 113 3.99 -0.89 -11.27
N GLN A 114 4.86 -1.51 -12.06
CA GLN A 114 6.28 -1.51 -11.73
C GLN A 114 6.86 -0.12 -11.99
N GLU A 115 7.54 0.43 -10.99
CA GLU A 115 8.26 1.67 -11.21
C GLU A 115 9.45 1.40 -12.13
N LEU A 116 9.59 2.20 -13.17
CA LEU A 116 10.63 2.02 -14.18
C LEU A 116 11.83 2.94 -14.00
N GLY A 117 11.78 3.84 -13.03
CA GLY A 117 12.86 4.78 -12.82
C GLY A 117 12.30 6.09 -12.34
N THR A 118 13.16 7.11 -12.30
CA THR A 118 12.78 8.45 -11.87
C THR A 118 13.41 9.44 -12.84
N VAL A 119 12.83 10.64 -12.87
CA VAL A 119 13.41 11.77 -13.59
C VAL A 119 13.38 12.97 -12.67
N GLU A 120 14.48 13.72 -12.64
CA GLU A 120 14.56 14.95 -11.87
C GLU A 120 14.44 16.12 -12.84
N THR A 121 13.42 16.95 -12.65
CA THR A 121 13.21 18.07 -13.55
C THR A 121 12.29 19.07 -12.86
N ASP A 122 12.47 20.33 -13.21
CA ASP A 122 11.61 21.42 -12.73
C ASP A 122 11.48 21.39 -11.20
N ASP A 123 12.64 21.23 -10.54
CA ASP A 123 12.77 21.28 -9.09
C ASP A 123 11.98 20.19 -8.38
N GLY A 124 11.65 19.09 -9.06
CA GLY A 124 10.98 17.97 -8.43
C GLY A 124 11.57 16.65 -8.90
N THR A 125 11.01 15.58 -8.34
CA THR A 125 11.34 14.21 -8.72
C THR A 125 10.05 13.52 -9.16
N TYR A 126 10.10 12.81 -10.28
CA TYR A 126 8.93 12.11 -10.81
C TYR A 126 9.26 10.63 -10.93
N LYS A 127 8.35 9.77 -10.48
CA LYS A 127 8.47 8.34 -10.68
C LYS A 127 7.78 7.95 -11.98
N ILE A 128 8.38 7.02 -12.71
CA ILE A 128 7.97 6.66 -14.07
C ILE A 128 7.33 5.28 -14.04
N TYR A 129 6.17 5.16 -14.71
CA TYR A 129 5.41 3.91 -14.77
C TYR A 129 4.83 3.74 -16.16
N GLN A 130 4.54 2.49 -16.51
CA GLN A 130 3.75 2.19 -17.70
C GLN A 130 2.62 1.25 -17.31
N THR A 131 1.44 1.53 -17.85
CA THR A 131 0.29 0.66 -17.72
C THR A 131 -0.32 0.42 -19.11
N THR A 132 -1.41 -0.34 -19.13
CA THR A 132 -2.13 -0.66 -20.36
C THR A 132 -3.62 -0.47 -20.12
N ARG A 133 -4.30 0.04 -21.13
CA ARG A 133 -5.75 0.12 -21.16
C ARG A 133 -6.25 -0.78 -22.28
N GLU A 134 -7.28 -1.57 -22.01
CA GLU A 134 -7.81 -2.50 -22.99
C GLU A 134 -9.27 -2.16 -23.27
N ASN A 135 -9.60 -2.02 -24.55
CA ASN A 135 -10.96 -1.73 -25.01
C ASN A 135 -11.51 -0.48 -24.33
N ALA A 136 -10.72 0.59 -24.37
CA ALA A 136 -10.97 1.80 -23.61
C ALA A 136 -11.18 2.99 -24.54
N PRO A 137 -11.85 4.04 -24.09
CA PRO A 137 -11.98 5.24 -24.93
C PRO A 137 -10.61 5.82 -25.25
N SER A 138 -10.51 6.40 -26.44
CA SER A 138 -9.25 6.96 -26.92
C SER A 138 -9.57 8.02 -27.96
N ILE A 139 -8.54 8.75 -28.36
CA ILE A 139 -8.69 9.71 -29.45
C ILE A 139 -8.96 9.03 -30.79
N GLU A 140 -8.84 7.70 -30.83
CA GLU A 140 -9.15 6.92 -32.03
C GLU A 140 -10.38 6.05 -31.88
N GLY A 141 -11.19 6.27 -30.84
CA GLY A 141 -12.28 5.36 -30.53
C GLY A 141 -11.86 4.29 -29.54
N THR A 142 -12.76 3.31 -29.35
CA THR A 142 -12.46 2.21 -28.45
C THR A 142 -11.18 1.51 -28.90
N ALA A 143 -10.22 1.39 -27.99
CA ALA A 143 -8.89 0.93 -28.39
C ALA A 143 -8.14 0.35 -27.20
N THR A 144 -7.05 -0.34 -27.51
CA THR A 144 -6.07 -0.81 -26.55
C THR A 144 -4.78 -0.01 -26.74
N PHE A 145 -4.18 0.43 -25.64
CA PHE A 145 -3.04 1.32 -25.78
C PHE A 145 -2.28 1.34 -24.46
N ASN A 146 -1.04 1.78 -24.54
CA ASN A 146 -0.26 1.92 -23.33
C ASN A 146 -0.45 3.31 -22.76
N GLN A 147 -0.30 3.40 -21.43
CA GLN A 147 -0.30 4.68 -20.73
C GLN A 147 1.06 4.86 -20.10
N TYR A 148 1.65 6.04 -20.27
CA TYR A 148 2.91 6.36 -19.61
C TYR A 148 2.65 7.40 -18.53
N TRP A 149 3.34 7.24 -17.39
CA TRP A 149 3.14 8.10 -16.23
C TRP A 149 4.46 8.66 -15.74
N SER A 150 4.45 9.95 -15.42
CA SER A 150 5.47 10.61 -14.60
C SER A 150 4.73 11.23 -13.43
N VAL A 151 5.00 10.77 -12.21
CA VAL A 151 4.19 11.15 -11.06
C VAL A 151 5.08 11.89 -10.07
N ARG A 152 4.83 13.19 -9.91
CA ARG A 152 5.67 14.02 -9.04
C ARG A 152 5.56 13.52 -7.61
N THR A 153 6.71 13.44 -6.92
CA THR A 153 6.72 12.94 -5.55
C THR A 153 6.23 14.00 -4.56
N ASP A 154 6.37 15.28 -4.88
CA ASP A 154 5.92 16.39 -4.02
C ASP A 154 4.85 17.15 -4.80
N HIS A 155 3.58 16.93 -4.47
CA HIS A 155 2.49 17.47 -5.27
C HIS A 155 2.49 18.99 -5.22
N ARG A 156 2.14 19.61 -6.35
CA ARG A 156 2.08 21.06 -6.44
C ARG A 156 1.01 21.47 -7.45
N VAL A 157 0.61 22.74 -7.34
CA VAL A 157 -0.34 23.37 -8.26
C VAL A 157 0.37 24.60 -8.83
N GLY A 158 0.90 24.46 -10.04
CA GLY A 158 1.55 25.58 -10.68
C GLY A 158 3.02 25.31 -10.88
N GLY A 159 3.66 26.09 -11.74
CA GLY A 159 5.07 25.89 -12.00
C GLY A 159 5.34 25.64 -13.47
N THR A 160 6.51 25.09 -13.75
CA THR A 160 7.01 24.87 -15.09
C THR A 160 7.15 23.37 -15.32
N VAL A 161 6.73 22.89 -16.49
CA VAL A 161 6.92 21.48 -16.85
C VAL A 161 7.71 21.46 -18.15
N THR A 162 8.96 20.98 -18.07
CA THR A 162 9.80 20.81 -19.25
C THR A 162 9.47 19.44 -19.84
N THR A 163 8.47 19.42 -20.74
CA THR A 163 7.94 18.13 -21.18
C THR A 163 8.99 17.28 -21.85
N GLN A 164 9.95 17.90 -22.56
CA GLN A 164 10.97 17.09 -23.23
C GLN A 164 11.75 16.24 -22.25
N ASN A 165 11.98 16.73 -21.02
CA ASN A 165 12.71 15.91 -20.04
C ASN A 165 11.93 14.65 -19.69
N HIS A 166 10.60 14.73 -19.65
CA HIS A 166 9.83 13.54 -19.35
C HIS A 166 9.84 12.58 -20.54
N PHE A 167 9.64 13.12 -21.74
CA PHE A 167 9.65 12.28 -22.94
C PHE A 167 10.99 11.57 -23.10
N ASP A 168 12.10 12.27 -22.82
CA ASP A 168 13.42 11.65 -22.87
C ASP A 168 13.55 10.53 -21.84
N ALA A 169 13.07 10.79 -20.61
CA ALA A 169 13.16 9.78 -19.56
C ALA A 169 12.34 8.54 -19.90
N TRP A 170 11.14 8.73 -20.46
CA TRP A 170 10.33 7.59 -20.87
C TRP A 170 11.04 6.79 -21.96
N LYS A 171 11.60 7.48 -22.95
CA LYS A 171 12.30 6.77 -24.02
C LYS A 171 13.51 6.01 -23.48
N ASN A 172 14.24 6.61 -22.53
CA ASN A 172 15.39 5.92 -21.93
C ASN A 172 14.94 4.69 -21.15
N ALA A 173 13.75 4.71 -20.57
CA ALA A 173 13.20 3.56 -19.88
C ALA A 173 12.63 2.52 -20.85
N GLY A 174 12.74 2.74 -22.16
CA GLY A 174 12.24 1.82 -23.15
C GLY A 174 10.82 2.06 -23.59
N LEU A 175 10.24 3.23 -23.29
CA LEU A 175 8.83 3.52 -23.60
C LEU A 175 8.77 4.30 -24.91
N GLU A 176 8.26 3.67 -25.95
CA GLU A 176 8.21 4.26 -27.28
C GLU A 176 7.06 5.25 -27.42
N MET A 177 7.35 6.40 -28.01
CA MET A 177 6.34 7.42 -28.28
C MET A 177 6.10 7.51 -29.77
N GLY A 178 4.85 7.78 -30.16
CA GLY A 178 4.50 7.97 -31.55
C GLY A 178 4.52 9.43 -31.95
N THR A 179 3.76 9.73 -33.00
CA THR A 179 3.57 11.09 -33.47
C THR A 179 2.65 11.83 -32.51
N HIS A 180 3.04 13.05 -32.12
CA HIS A 180 2.29 13.75 -31.09
C HIS A 180 0.93 14.19 -31.61
N ASN A 181 -0.11 13.95 -30.81
CA ASN A 181 -1.42 14.55 -30.99
C ASN A 181 -1.55 15.65 -29.94
N TYR A 182 -2.69 15.81 -29.29
CA TYR A 182 -2.78 17.00 -28.44
C TYR A 182 -1.98 16.86 -27.14
N MET A 183 -1.68 18.01 -26.55
CA MET A 183 -1.05 18.09 -25.23
C MET A 183 -1.69 19.25 -24.48
N ILE A 184 -2.27 18.99 -23.31
CA ILE A 184 -3.01 20.00 -22.57
C ILE A 184 -2.61 19.95 -21.10
N VAL A 185 -2.91 21.02 -20.37
CA VAL A 185 -2.82 20.98 -18.91
C VAL A 185 -4.22 20.60 -18.43
N ALA A 186 -4.36 19.38 -17.96
CA ALA A 186 -5.67 18.77 -17.77
C ALA A 186 -6.02 18.61 -16.30
N THR A 187 -7.28 18.86 -16.00
CA THR A 187 -7.91 18.47 -14.75
C THR A 187 -8.74 17.22 -15.03
N ALA A 188 -8.48 16.15 -14.29
CA ALA A 188 -9.21 14.90 -14.46
C ALA A 188 -9.87 14.53 -13.15
N GLY A 189 -10.98 13.81 -13.23
CA GLY A 189 -11.64 13.34 -12.03
C GLY A 189 -12.38 12.05 -12.29
N TYR A 190 -12.69 11.35 -11.20
CA TYR A 190 -13.52 10.16 -11.28
C TYR A 190 -14.26 9.98 -9.97
N GLN A 191 -15.59 9.90 -10.04
CA GLN A 191 -16.45 9.68 -8.87
C GLN A 191 -16.06 10.60 -7.71
N SER A 192 -16.09 11.90 -8.01
CA SER A 192 -15.71 12.93 -7.05
C SER A 192 -16.46 14.21 -7.38
N SER A 193 -16.18 15.25 -6.59
CA SER A 193 -16.67 16.61 -6.88
C SER A 193 -15.48 17.54 -6.79
N GLY A 194 -15.64 18.75 -7.32
CA GLY A 194 -14.63 19.76 -7.12
C GLY A 194 -14.73 20.90 -8.12
N SER A 195 -13.69 21.72 -8.12
CA SER A 195 -13.60 22.79 -9.09
C SER A 195 -12.12 23.06 -9.35
N ALA A 196 -11.85 23.66 -10.51
CA ALA A 196 -10.50 24.08 -10.82
C ALA A 196 -10.57 25.24 -11.79
N SER A 197 -9.57 26.11 -11.71
CA SER A 197 -9.45 27.25 -12.63
C SER A 197 -7.97 27.36 -12.97
N ILE A 198 -7.62 27.03 -14.21
CA ILE A 198 -6.23 26.83 -14.61
C ILE A 198 -5.95 27.70 -15.82
N THR A 199 -4.78 28.34 -15.82
CA THR A 199 -4.37 29.15 -16.96
C THR A 199 -3.07 28.61 -17.53
N VAL A 200 -3.06 28.28 -18.82
CA VAL A 200 -1.86 27.85 -19.51
C VAL A 200 -1.22 29.11 -20.09
N GLN A 201 0.02 29.38 -19.70
CA GLN A 201 0.72 30.61 -20.12
C GLN A 201 1.66 30.33 -21.28
N MET B 12 -5.56 -13.62 12.24
CA MET B 12 -4.71 -12.59 11.65
C MET B 12 -5.27 -12.05 10.34
N GLU B 13 -4.42 -11.30 9.64
CA GLU B 13 -4.89 -10.39 8.60
C GLU B 13 -5.31 -11.12 7.34
N ILE B 14 -6.33 -10.58 6.69
CA ILE B 14 -6.97 -11.15 5.51
C ILE B 14 -6.85 -10.13 4.39
N THR B 15 -6.30 -10.56 3.23
CA THR B 15 -6.15 -9.62 2.12
C THR B 15 -6.83 -10.06 0.83
N SER B 16 -7.50 -11.22 0.82
CA SER B 16 -8.30 -11.67 -0.31
C SER B 16 -9.68 -12.04 0.21
N SER B 17 -10.65 -12.04 -0.70
CA SER B 17 -12.04 -12.25 -0.30
C SER B 17 -12.23 -13.53 0.49
N GLU B 18 -13.03 -13.44 1.54
CA GLU B 18 -13.26 -14.54 2.46
C GLU B 18 -14.54 -14.23 3.25
N THR B 19 -15.26 -15.29 3.61
CA THR B 19 -16.41 -15.17 4.49
C THR B 19 -16.30 -16.26 5.54
N GLY B 20 -16.97 -16.03 6.67
CA GLY B 20 -16.99 -17.05 7.69
C GLY B 20 -17.69 -16.60 8.94
N THR B 21 -17.39 -17.30 10.03
CA THR B 21 -17.84 -16.96 11.36
C THR B 21 -16.62 -16.55 12.17
N ASN B 22 -16.77 -15.50 12.97
CA ASN B 22 -15.72 -15.09 13.88
C ASN B 22 -16.37 -14.60 15.16
N ASN B 23 -16.15 -15.34 16.25
CA ASN B 23 -16.59 -14.92 17.57
C ASN B 23 -18.10 -14.67 17.61
N GLY B 24 -18.85 -15.57 16.96
CA GLY B 24 -20.29 -15.52 16.97
C GLY B 24 -20.90 -14.57 15.97
N TYR B 25 -20.11 -13.92 15.13
CA TYR B 25 -20.61 -13.01 14.11
C TYR B 25 -20.31 -13.57 12.73
N TYR B 26 -21.27 -13.43 11.83
CA TYR B 26 -20.95 -13.58 10.41
C TYR B 26 -19.99 -12.47 9.99
N TYR B 27 -19.01 -12.80 9.15
CA TYR B 27 -18.21 -11.75 8.50
C TYR B 27 -18.08 -12.02 7.02
N SER B 28 -18.02 -10.94 6.24
CA SER B 28 -17.72 -11.02 4.81
C SER B 28 -16.67 -9.97 4.49
N PHE B 29 -15.60 -10.39 3.83
CA PHE B 29 -14.61 -9.48 3.26
C PHE B 29 -14.59 -9.75 1.76
N TRP B 30 -14.92 -8.74 0.96
CA TRP B 30 -14.90 -8.89 -0.48
C TRP B 30 -14.05 -7.78 -1.08
N THR B 31 -13.09 -8.15 -1.92
CA THR B 31 -12.30 -7.15 -2.61
C THR B 31 -12.12 -7.61 -4.05
N ASP B 32 -12.09 -6.66 -4.98
CA ASP B 32 -11.78 -7.02 -6.36
C ASP B 32 -10.28 -7.20 -6.57
N GLY B 33 -9.47 -7.03 -5.52
CA GLY B 33 -8.05 -7.26 -5.59
C GLY B 33 -7.21 -6.04 -5.90
N GLY B 34 -7.81 -4.88 -6.16
CA GLY B 34 -7.03 -3.70 -6.46
C GLY B 34 -6.40 -3.10 -5.21
N GLY B 35 -5.20 -2.53 -5.40
CA GLY B 35 -4.44 -1.88 -4.33
C GLY B 35 -4.17 -2.83 -3.17
N GLN B 36 -4.13 -2.26 -1.97
CA GLN B 36 -3.93 -3.04 -0.76
C GLN B 36 -5.13 -2.81 0.15
N VAL B 37 -5.82 -3.89 0.50
CA VAL B 37 -6.92 -3.86 1.46
C VAL B 37 -6.65 -4.96 2.48
N THR B 38 -6.56 -4.60 3.75
CA THR B 38 -6.24 -5.54 4.81
C THR B 38 -7.35 -5.55 5.84
N TYR B 39 -7.96 -6.71 6.05
CA TYR B 39 -9.10 -6.88 6.93
C TYR B 39 -8.67 -7.72 8.13
N THR B 40 -9.08 -7.31 9.34
CA THR B 40 -8.74 -8.02 10.56
C THR B 40 -9.99 -8.24 11.40
N ASN B 41 -10.24 -9.48 11.79
CA ASN B 41 -11.29 -9.75 12.76
C ASN B 41 -10.76 -9.51 14.17
N GLY B 42 -11.54 -8.82 14.99
CA GLY B 42 -11.23 -8.66 16.38
C GLY B 42 -12.23 -9.38 17.28
N PRO B 43 -12.13 -9.15 18.58
CA PRO B 43 -13.03 -9.83 19.51
C PRO B 43 -14.49 -9.45 19.31
N ALA B 44 -15.37 -10.39 19.62
CA ALA B 44 -16.84 -10.16 19.63
C ALA B 44 -17.21 -9.58 18.26
N GLY B 45 -17.93 -8.47 18.18
CA GLY B 45 -18.36 -7.98 16.89
C GLY B 45 -17.43 -6.96 16.24
N GLN B 46 -16.14 -6.97 16.62
CA GLN B 46 -15.19 -6.00 16.11
C GLN B 46 -14.52 -6.45 14.81
N TYR B 47 -14.31 -5.50 13.90
CA TYR B 47 -13.44 -5.74 12.76
C TYR B 47 -12.74 -4.44 12.43
N SER B 48 -11.62 -4.55 11.73
CA SER B 48 -10.96 -3.36 11.23
C SER B 48 -10.56 -3.60 9.78
N VAL B 49 -10.39 -2.51 9.04
CA VAL B 49 -9.92 -2.60 7.67
C VAL B 49 -9.03 -1.39 7.41
N GLU B 50 -7.91 -1.64 6.73
CA GLU B 50 -6.96 -0.60 6.36
C GLU B 50 -6.77 -0.73 4.87
N TRP B 51 -6.87 0.37 4.12
CA TRP B 51 -6.72 0.22 2.69
C TRP B 51 -5.93 1.37 2.10
N SER B 52 -5.33 1.10 0.94
CA SER B 52 -4.49 2.07 0.26
C SER B 52 -4.65 1.88 -1.24
N ASN B 53 -5.10 2.92 -1.93
CA ASN B 53 -5.28 2.93 -3.38
C ASN B 53 -6.07 1.69 -3.84
N SER B 54 -7.20 1.47 -3.19
CA SER B 54 -7.96 0.24 -3.36
C SER B 54 -8.68 0.22 -4.70
N GLY B 55 -9.07 -0.98 -5.14
CA GLY B 55 -10.17 -1.11 -6.06
C GLY B 55 -11.47 -1.07 -5.28
N ASN B 56 -12.44 -1.89 -5.66
CA ASN B 56 -13.72 -2.00 -4.95
C ASN B 56 -13.56 -2.99 -3.79
N PHE B 57 -14.04 -2.63 -2.60
CA PHE B 57 -14.16 -3.62 -1.55
C PHE B 57 -15.35 -3.30 -0.67
N VAL B 58 -15.84 -4.32 0.03
CA VAL B 58 -16.89 -4.15 1.04
C VAL B 58 -16.67 -5.20 2.12
N ALA B 59 -16.69 -4.78 3.39
CA ALA B 59 -16.25 -5.66 4.46
C ALA B 59 -17.01 -5.35 5.74
N GLY B 60 -17.35 -6.39 6.50
CA GLY B 60 -17.94 -6.12 7.80
C GLY B 60 -18.44 -7.37 8.50
N LYS B 61 -19.03 -7.12 9.67
CA LYS B 61 -19.53 -8.17 10.55
C LYS B 61 -21.04 -7.99 10.77
N GLY B 62 -21.70 -9.09 11.08
CA GLY B 62 -23.12 -9.05 11.33
C GLY B 62 -23.71 -10.43 11.52
N TRP B 63 -24.75 -10.73 10.75
CA TRP B 63 -25.61 -11.86 11.02
C TRP B 63 -25.93 -12.59 9.71
N ASN B 64 -26.10 -13.90 9.82
CA ASN B 64 -26.66 -14.65 8.72
C ASN B 64 -27.59 -15.73 9.29
N PRO B 65 -28.88 -15.71 8.93
CA PRO B 65 -29.53 -14.68 8.10
C PRO B 65 -29.79 -13.40 8.87
N GLY B 66 -29.93 -12.28 8.16
CA GLY B 66 -30.52 -11.11 8.78
C GLY B 66 -31.98 -11.36 9.13
N SER B 67 -32.44 -10.78 10.22
CA SER B 67 -33.84 -10.92 10.60
C SER B 67 -34.43 -9.58 10.96
N SER B 68 -34.04 -8.55 10.21
CA SER B 68 -34.60 -7.21 10.33
C SER B 68 -34.42 -6.66 11.74
N GLN B 69 -33.30 -6.99 12.38
CA GLN B 69 -33.12 -6.54 13.75
C GLN B 69 -32.71 -5.07 13.80
N THR B 70 -32.84 -4.49 14.98
CA THR B 70 -32.36 -3.14 15.24
C THR B 70 -30.89 -3.22 15.62
N ILE B 71 -30.04 -2.58 14.82
CA ILE B 71 -28.59 -2.72 14.91
C ILE B 71 -28.01 -1.57 15.70
N THR B 72 -27.07 -1.86 16.60
CA THR B 72 -26.26 -0.81 17.21
C THR B 72 -24.80 -1.14 16.95
N TYR B 73 -24.02 -0.10 16.68
CA TYR B 73 -22.59 -0.31 16.45
C TYR B 73 -21.86 0.94 16.87
N SER B 74 -20.56 0.80 17.09
CA SER B 74 -19.73 1.92 17.48
C SER B 74 -18.43 1.84 16.69
N GLY B 75 -17.59 2.84 16.86
CA GLY B 75 -16.28 2.81 16.26
C GLY B 75 -15.92 4.06 15.49
N GLU B 76 -15.03 3.91 14.52
CA GLU B 76 -14.60 5.05 13.74
C GLU B 76 -14.32 4.60 12.31
N TRP B 77 -14.42 5.58 11.41
CA TRP B 77 -14.36 5.33 9.97
C TRP B 77 -13.65 6.53 9.37
N ASN B 78 -12.43 6.32 8.87
CA ASN B 78 -11.51 7.39 8.52
C ASN B 78 -11.04 7.25 7.08
N PRO B 79 -11.90 7.58 6.11
CA PRO B 79 -11.51 7.46 4.71
C PRO B 79 -10.77 8.68 4.20
N ASN B 80 -9.98 8.44 3.16
CA ASN B 80 -9.36 9.47 2.33
C ASN B 80 -9.79 9.17 0.90
N GLY B 81 -10.93 9.71 0.50
CA GLY B 81 -11.52 9.41 -0.78
C GLY B 81 -12.79 8.59 -0.63
N ASN B 82 -13.21 7.99 -1.74
CA ASN B 82 -14.54 7.41 -1.89
C ASN B 82 -14.71 6.22 -0.95
N SER B 83 -15.63 6.35 0.00
CA SER B 83 -15.91 5.30 0.96
C SER B 83 -17.28 5.55 1.57
N TYR B 84 -17.92 4.49 2.04
CA TYR B 84 -19.13 4.71 2.81
C TYR B 84 -19.29 3.60 3.85
N LEU B 85 -20.11 3.92 4.85
CA LEU B 85 -20.39 3.09 6.01
C LEU B 85 -21.88 2.81 6.01
N SER B 86 -22.26 1.53 6.02
CA SER B 86 -23.64 1.17 5.76
C SER B 86 -24.02 -0.08 6.52
N VAL B 87 -25.32 -0.23 6.76
CA VAL B 87 -25.88 -1.55 6.94
C VAL B 87 -26.10 -2.12 5.55
N TYR B 88 -25.61 -3.33 5.32
CA TYR B 88 -25.49 -3.86 3.96
C TYR B 88 -25.90 -5.31 3.96
N GLY B 89 -26.64 -5.75 2.96
CA GLY B 89 -27.03 -7.14 2.96
C GLY B 89 -27.67 -7.56 1.65
N TRP B 90 -28.18 -8.80 1.66
CA TRP B 90 -28.78 -9.40 0.47
C TRP B 90 -30.07 -10.12 0.81
N THR B 91 -30.96 -10.20 -0.17
CA THR B 91 -32.02 -11.21 -0.16
C THR B 91 -31.85 -12.09 -1.38
N GLN B 92 -32.54 -13.23 -1.34
CA GLN B 92 -32.58 -14.19 -2.43
C GLN B 92 -34.01 -14.42 -2.88
N ASN B 93 -34.20 -14.67 -4.17
CA ASN B 93 -35.49 -15.06 -4.71
C ASN B 93 -36.62 -14.08 -4.35
N PRO B 94 -36.55 -12.83 -4.84
CA PRO B 94 -35.56 -12.27 -5.76
C PRO B 94 -34.23 -11.86 -5.12
N LEU B 95 -33.17 -11.97 -5.93
CA LEU B 95 -31.86 -11.50 -5.54
C LEU B 95 -31.85 -9.97 -5.47
N VAL B 96 -31.49 -9.44 -4.31
CA VAL B 96 -31.47 -8.02 -4.05
C VAL B 96 -30.25 -7.73 -3.20
N GLU B 97 -29.52 -6.66 -3.55
CA GLU B 97 -28.45 -6.12 -2.74
C GLU B 97 -28.94 -4.79 -2.18
N TYR B 98 -28.77 -4.55 -0.88
CA TYR B 98 -29.28 -3.32 -0.31
C TYR B 98 -28.26 -2.62 0.58
N TYR B 99 -28.39 -1.30 0.68
CA TYR B 99 -27.50 -0.45 1.46
C TYR B 99 -28.33 0.54 2.26
N ILE B 100 -28.11 0.61 3.57
CA ILE B 100 -28.59 1.70 4.41
C ILE B 100 -27.35 2.50 4.77
N VAL B 101 -27.13 3.60 4.05
CA VAL B 101 -25.88 4.35 4.10
C VAL B 101 -25.95 5.37 5.23
N GLU B 102 -25.08 5.22 6.22
CA GLU B 102 -25.01 6.13 7.36
C GLU B 102 -24.08 7.31 7.13
N SER B 103 -22.97 7.11 6.40
CA SER B 103 -22.05 8.16 6.01
C SER B 103 -21.47 7.79 4.66
N PHE B 104 -21.22 8.78 3.82
CA PHE B 104 -20.34 8.60 2.67
C PHE B 104 -19.39 9.78 2.61
N SER B 105 -18.27 9.60 1.91
CA SER B 105 -17.27 10.66 1.97
C SER B 105 -17.39 11.60 0.79
N THR B 106 -16.73 11.28 -0.31
CA THR B 106 -16.56 12.19 -1.43
C THR B 106 -17.48 11.89 -2.61
N TYR B 107 -18.28 10.82 -2.54
CA TYR B 107 -19.10 10.41 -3.67
C TYR B 107 -20.39 9.83 -3.14
N ASP B 108 -21.52 10.37 -3.59
CA ASP B 108 -22.80 9.85 -3.15
C ASP B 108 -23.05 8.56 -3.92
N PRO B 109 -23.01 7.40 -3.26
CA PRO B 109 -23.09 6.12 -3.99
C PRO B 109 -24.44 5.86 -4.62
N SER B 110 -25.46 6.65 -4.29
CA SER B 110 -26.75 6.55 -4.97
C SER B 110 -26.77 7.27 -6.30
N THR B 111 -25.68 7.96 -6.67
CA THR B 111 -25.61 8.64 -7.96
C THR B 111 -25.90 7.66 -9.08
N GLY B 112 -26.79 8.05 -9.98
CA GLY B 112 -27.21 7.19 -11.07
C GLY B 112 -28.40 6.31 -10.78
N ALA B 113 -28.81 6.18 -9.51
CA ALA B 113 -29.99 5.41 -9.16
C ALA B 113 -31.22 6.32 -9.20
N GLN B 114 -32.40 5.68 -9.29
CA GLN B 114 -33.67 6.42 -9.36
C GLN B 114 -34.21 6.69 -7.97
N GLU B 115 -34.48 7.96 -7.68
CA GLU B 115 -35.01 8.36 -6.39
C GLU B 115 -36.49 8.00 -6.29
N LEU B 116 -36.91 7.53 -5.11
CA LEU B 116 -38.26 7.01 -4.89
C LEU B 116 -39.03 7.72 -3.79
N GLY B 117 -38.37 8.38 -2.85
CA GLY B 117 -39.04 8.97 -1.71
C GLY B 117 -38.07 9.06 -0.54
N THR B 118 -38.64 9.18 0.67
CA THR B 118 -37.86 9.30 1.89
C THR B 118 -38.47 8.46 3.00
N VAL B 119 -37.66 8.22 4.03
CA VAL B 119 -38.14 7.58 5.25
C VAL B 119 -37.46 8.26 6.44
N GLU B 120 -38.24 8.56 7.47
CA GLU B 120 -37.71 9.14 8.71
C GLU B 120 -37.58 8.04 9.75
N THR B 121 -36.37 7.84 10.25
CA THR B 121 -36.13 6.80 11.24
C THR B 121 -34.82 7.12 11.95
N ASP B 122 -34.74 6.73 13.22
CA ASP B 122 -33.51 6.83 14.01
C ASP B 122 -32.94 8.25 13.96
N ASP B 123 -33.82 9.22 14.21
CA ASP B 123 -33.48 10.64 14.35
C ASP B 123 -32.86 11.23 13.07
N GLY B 124 -33.13 10.61 11.92
CA GLY B 124 -32.62 11.10 10.66
C GLY B 124 -33.65 10.96 9.55
N THR B 125 -33.26 11.44 8.38
CA THR B 125 -34.05 11.36 7.17
C THR B 125 -33.20 10.65 6.13
N TYR B 126 -33.81 9.72 5.41
CA TYR B 126 -33.10 8.96 4.40
C TYR B 126 -33.81 9.10 3.07
N LYS B 127 -33.05 9.33 2.01
CA LYS B 127 -33.59 9.29 0.66
C LYS B 127 -33.46 7.87 0.12
N ILE B 128 -34.53 7.41 -0.53
CA ILE B 128 -34.62 6.03 -1.01
C ILE B 128 -34.42 6.01 -2.52
N TYR B 129 -33.66 5.02 -3.00
CA TYR B 129 -33.36 4.87 -4.42
C TYR B 129 -33.36 3.40 -4.80
N GLN B 130 -33.54 3.15 -6.10
CA GLN B 130 -33.35 1.81 -6.64
C GLN B 130 -32.59 1.90 -7.95
N THR B 131 -31.82 0.87 -8.23
CA THR B 131 -31.20 0.73 -9.54
C THR B 131 -31.02 -0.76 -9.79
N THR B 132 -30.33 -1.09 -10.88
CA THR B 132 -30.06 -2.47 -11.22
C THR B 132 -28.56 -2.61 -11.46
N ARG B 133 -28.03 -3.76 -11.09
CA ARG B 133 -26.66 -4.13 -11.40
C ARG B 133 -26.70 -5.25 -12.43
N GLU B 134 -25.92 -5.12 -13.49
CA GLU B 134 -25.96 -6.08 -14.61
C GLU B 134 -24.65 -6.86 -14.68
N ASN B 135 -24.77 -8.18 -14.76
CA ASN B 135 -23.61 -9.06 -14.90
C ASN B 135 -22.54 -8.73 -13.87
N ALA B 136 -22.94 -8.71 -12.61
CA ALA B 136 -22.12 -8.18 -11.53
C ALA B 136 -21.87 -9.26 -10.48
N PRO B 137 -20.81 -9.11 -9.68
CA PRO B 137 -20.61 -10.07 -8.58
C PRO B 137 -21.79 -10.05 -7.62
N SER B 138 -22.11 -11.24 -7.10
CA SER B 138 -23.23 -11.38 -6.17
C SER B 138 -22.99 -12.59 -5.29
N ILE B 139 -23.82 -12.75 -4.27
CA ILE B 139 -23.74 -13.94 -3.43
C ILE B 139 -24.11 -15.20 -4.20
N GLU B 140 -24.63 -15.07 -5.41
CA GLU B 140 -24.94 -16.23 -6.25
C GLU B 140 -24.04 -16.37 -7.46
N GLY B 141 -22.96 -15.60 -7.53
CA GLY B 141 -22.13 -15.55 -8.72
C GLY B 141 -22.48 -14.36 -9.57
N THR B 142 -21.89 -14.33 -10.77
CA THR B 142 -22.19 -13.24 -11.70
C THR B 142 -23.68 -13.20 -12.00
N ALA B 143 -24.31 -12.06 -11.77
CA ALA B 143 -25.76 -12.03 -11.86
C ALA B 143 -26.26 -10.61 -12.12
N THR B 144 -27.55 -10.52 -12.42
CA THR B 144 -28.26 -9.26 -12.59
C THR B 144 -29.33 -9.17 -11.51
N PHE B 145 -29.34 -8.05 -10.77
CA PHE B 145 -30.17 -7.99 -9.58
C PHE B 145 -30.51 -6.53 -9.27
N ASN B 146 -31.57 -6.35 -8.50
CA ASN B 146 -31.95 -5.01 -8.04
C ASN B 146 -31.04 -4.60 -6.88
N GLN B 147 -30.81 -3.30 -6.78
CA GLN B 147 -30.00 -2.72 -5.72
C GLN B 147 -30.80 -1.57 -5.10
N TYR B 148 -31.04 -1.64 -3.79
CA TYR B 148 -31.83 -0.63 -3.08
C TYR B 148 -30.93 0.18 -2.15
N TRP B 149 -31.25 1.47 -2.01
CA TRP B 149 -30.48 2.41 -1.20
C TRP B 149 -31.41 3.19 -0.28
N SER B 150 -31.01 3.32 0.99
CA SER B 150 -31.45 4.39 1.89
C SER B 150 -30.21 5.19 2.25
N VAL B 151 -30.20 6.49 1.97
CA VAL B 151 -29.02 7.33 2.19
C VAL B 151 -29.38 8.44 3.18
N ARG B 152 -28.70 8.44 4.32
CA ARG B 152 -29.00 9.41 5.38
C ARG B 152 -28.59 10.82 4.94
N THR B 153 -29.44 11.80 5.20
CA THR B 153 -29.12 13.17 4.80
C THR B 153 -28.13 13.84 5.76
N ASP B 154 -28.04 13.40 7.00
CA ASP B 154 -27.09 13.94 7.97
C ASP B 154 -26.16 12.79 8.38
N HIS B 155 -24.93 12.82 7.90
CA HIS B 155 -24.07 11.65 8.02
C HIS B 155 -23.62 11.42 9.46
N ARG B 156 -23.50 10.16 9.83
CA ARG B 156 -23.07 9.86 11.18
C ARG B 156 -22.31 8.53 11.22
N VAL B 157 -21.51 8.38 12.28
CA VAL B 157 -20.77 7.16 12.57
C VAL B 157 -21.21 6.67 13.93
N GLY B 158 -21.99 5.63 13.96
CA GLY B 158 -22.52 5.11 15.21
C GLY B 158 -24.00 5.41 15.32
N GLY B 159 -24.56 4.95 16.42
CA GLY B 159 -25.98 5.05 16.61
C GLY B 159 -26.69 3.75 16.31
N THR B 160 -27.98 3.88 16.09
CA THR B 160 -28.88 2.74 16.00
C THR B 160 -29.57 2.79 14.66
N VAL B 161 -29.71 1.62 14.02
CA VAL B 161 -30.38 1.51 12.73
C VAL B 161 -31.52 0.53 12.90
N THR B 162 -32.76 1.02 12.80
CA THR B 162 -33.94 0.16 12.90
C THR B 162 -34.22 -0.35 11.49
N THR B 163 -33.64 -1.50 11.15
CA THR B 163 -33.66 -1.92 9.74
C THR B 163 -35.08 -2.17 9.24
N GLN B 164 -35.97 -2.63 10.11
CA GLN B 164 -37.35 -2.90 9.70
C GLN B 164 -38.03 -1.65 9.13
N ASN B 165 -37.68 -0.46 9.65
CA ASN B 165 -38.25 0.77 9.11
C ASN B 165 -37.81 1.02 7.68
N HIS B 166 -36.57 0.63 7.34
CA HIS B 166 -36.12 0.77 5.96
C HIS B 166 -36.77 -0.25 5.05
N PHE B 167 -36.80 -1.52 5.46
CA PHE B 167 -37.43 -2.55 4.64
C PHE B 167 -38.91 -2.25 4.40
N ASP B 168 -39.62 -1.80 5.45
CA ASP B 168 -41.02 -1.40 5.28
C ASP B 168 -41.16 -0.26 4.30
N ALA B 169 -40.30 0.75 4.42
CA ALA B 169 -40.37 1.89 3.50
C ALA B 169 -40.11 1.46 2.06
N TRP B 170 -39.13 0.58 1.85
CA TRP B 170 -38.84 0.10 0.51
C TRP B 170 -40.03 -0.67 -0.06
N LYS B 171 -40.57 -1.61 0.73
CA LYS B 171 -41.68 -2.43 0.26
C LYS B 171 -42.91 -1.57 0.01
N ASN B 172 -43.19 -0.63 0.90
CA ASN B 172 -44.30 0.28 0.70
C ASN B 172 -44.14 1.07 -0.58
N ALA B 173 -42.91 1.40 -0.96
CA ALA B 173 -42.64 2.13 -2.20
C ALA B 173 -42.66 1.24 -3.44
N GLY B 174 -42.98 -0.04 -3.29
CA GLY B 174 -43.07 -0.94 -4.42
C GLY B 174 -41.84 -1.75 -4.70
N LEU B 175 -40.83 -1.70 -3.84
CA LEU B 175 -39.61 -2.46 -4.05
C LEU B 175 -39.81 -3.85 -3.45
N GLU B 176 -39.53 -4.88 -4.25
CA GLU B 176 -39.72 -6.26 -3.85
C GLU B 176 -38.48 -6.79 -3.15
N MET B 177 -38.67 -7.52 -2.06
CA MET B 177 -37.57 -8.14 -1.34
C MET B 177 -37.81 -9.64 -1.20
N GLY B 178 -36.73 -10.40 -1.21
CA GLY B 178 -36.80 -11.83 -1.09
C GLY B 178 -36.53 -12.32 0.33
N THR B 179 -36.08 -13.57 0.43
CA THR B 179 -35.67 -14.15 1.70
C THR B 179 -34.32 -13.59 2.12
N HIS B 180 -34.20 -13.16 3.37
CA HIS B 180 -32.98 -12.50 3.80
C HIS B 180 -31.80 -13.47 3.84
N ASN B 181 -30.69 -13.04 3.25
CA ASN B 181 -29.41 -13.70 3.47
C ASN B 181 -28.63 -12.85 4.49
N TYR B 182 -27.35 -12.62 4.30
CA TYR B 182 -26.62 -11.95 5.38
C TYR B 182 -26.96 -10.45 5.47
N MET B 183 -26.66 -9.88 6.64
CA MET B 183 -26.75 -8.44 6.89
C MET B 183 -25.58 -8.06 7.78
N ILE B 184 -24.79 -7.05 7.36
CA ILE B 184 -23.59 -6.68 8.09
C ILE B 184 -23.54 -5.16 8.21
N VAL B 185 -22.72 -4.70 9.16
CA VAL B 185 -22.32 -3.29 9.20
C VAL B 185 -21.03 -3.19 8.41
N ALA B 186 -21.12 -2.60 7.23
CA ALA B 186 -20.10 -2.72 6.20
C ALA B 186 -19.36 -1.41 5.99
N THR B 187 -18.04 -1.52 5.86
CA THR B 187 -17.18 -0.47 5.33
C THR B 187 -16.89 -0.78 3.87
N ALA B 188 -17.09 0.21 3.00
CA ALA B 188 -16.87 0.01 1.57
C ALA B 188 -15.98 1.12 1.04
N GLY B 189 -15.19 0.81 0.02
CA GLY B 189 -14.32 1.84 -0.55
C GLY B 189 -14.03 1.54 -2.00
N TYR B 190 -13.68 2.60 -2.73
CA TYR B 190 -13.29 2.44 -4.12
C TYR B 190 -12.30 3.54 -4.48
N GLN B 191 -11.16 3.14 -5.02
CA GLN B 191 -10.12 4.07 -5.46
C GLN B 191 -9.85 5.12 -4.38
N SER B 192 -9.57 4.62 -3.18
CA SER B 192 -9.37 5.46 -2.01
C SER B 192 -8.40 4.77 -1.06
N SER B 193 -8.10 5.45 0.04
CA SER B 193 -7.34 4.90 1.15
C SER B 193 -8.13 5.20 2.41
N GLY B 194 -7.77 4.52 3.49
CA GLY B 194 -8.42 4.83 4.75
C GLY B 194 -8.18 3.74 5.77
N SER B 195 -8.86 3.92 6.90
CA SER B 195 -8.91 2.88 7.91
C SER B 195 -10.24 3.01 8.62
N ALA B 196 -10.68 1.90 9.19
CA ALA B 196 -11.92 1.88 9.94
C ALA B 196 -11.80 0.80 11.00
N SER B 197 -12.48 1.03 12.12
CA SER B 197 -12.53 0.05 13.20
C SER B 197 -13.94 0.12 13.77
N ILE B 198 -14.73 -0.92 13.55
CA ILE B 198 -16.16 -0.91 13.81
C ILE B 198 -16.50 -2.08 14.72
N THR B 199 -17.32 -1.84 15.74
CA THR B 199 -17.77 -2.91 16.62
C THR B 199 -19.28 -3.01 16.57
N VAL B 200 -19.78 -4.14 16.07
CA VAL B 200 -21.21 -4.41 16.06
C VAL B 200 -21.58 -4.97 17.43
N GLN B 201 -22.65 -4.44 18.03
CA GLN B 201 -23.08 -4.91 19.35
C GLN B 201 -24.53 -5.42 19.34
N GLU C 13 -0.20 12.29 3.43
CA GLU C 13 0.19 13.63 3.02
C GLU C 13 1.61 13.67 2.46
N ILE C 14 2.56 13.00 3.13
CA ILE C 14 3.95 12.98 2.69
C ILE C 14 4.36 11.52 2.46
N THR C 15 4.87 11.22 1.26
CA THR C 15 5.23 9.84 0.94
C THR C 15 6.63 9.68 0.35
N SER C 16 7.37 10.77 0.17
CA SER C 16 8.78 10.76 -0.20
C SER C 16 9.56 11.59 0.81
N SER C 17 10.88 11.38 0.84
CA SER C 17 11.70 11.99 1.87
C SER C 17 11.61 13.51 1.82
N GLU C 18 11.56 14.13 3.00
CA GLU C 18 11.31 15.54 3.16
C GLU C 18 11.74 15.93 4.56
N THR C 19 12.27 17.14 4.71
CA THR C 19 12.51 17.73 6.02
C THR C 19 12.00 19.15 6.00
N GLY C 20 11.77 19.70 7.19
CA GLY C 20 11.30 21.07 7.27
C GLY C 20 10.93 21.42 8.69
N THR C 21 10.15 22.49 8.80
CA THR C 21 9.59 22.94 10.06
C THR C 21 8.09 22.75 10.01
N ASN C 22 7.49 22.28 11.10
CA ASN C 22 6.04 22.20 11.18
C ASN C 22 5.61 22.56 12.61
N ASN C 23 4.91 23.68 12.75
CA ASN C 23 4.32 24.07 14.02
C ASN C 23 5.38 24.18 15.13
N GLY C 24 6.54 24.74 14.79
CA GLY C 24 7.60 25.00 15.73
C GLY C 24 8.51 23.83 15.98
N TYR C 25 8.32 22.72 15.28
CA TYR C 25 9.18 21.55 15.41
C TYR C 25 9.92 21.28 14.11
N TYR C 26 11.18 20.87 14.24
CA TYR C 26 11.87 20.24 13.14
C TYR C 26 11.20 18.90 12.85
N TYR C 27 11.08 18.55 11.57
CA TYR C 27 10.68 17.18 11.23
C TYR C 27 11.54 16.64 10.12
N SER C 28 11.76 15.33 10.18
CA SER C 28 12.46 14.65 9.09
C SER C 28 11.68 13.38 8.79
N PHE C 29 11.40 13.17 7.51
CA PHE C 29 10.85 11.92 7.02
C PHE C 29 11.82 11.41 5.96
N TRP C 30 12.38 10.23 6.18
CA TRP C 30 13.28 9.63 5.20
C TRP C 30 12.79 8.22 4.89
N THR C 31 12.68 7.92 3.60
CA THR C 31 12.33 6.57 3.18
C THR C 31 13.20 6.19 1.99
N ASP C 32 13.60 4.92 1.93
CA ASP C 32 14.32 4.48 0.74
C ASP C 32 13.39 4.23 -0.44
N GLY C 33 12.08 4.42 -0.26
CA GLY C 33 11.13 4.33 -1.34
C GLY C 33 10.37 3.03 -1.44
N GLY C 34 10.75 2.01 -0.67
CA GLY C 34 10.09 0.72 -0.77
C GLY C 34 8.71 0.72 -0.14
N GLY C 35 7.80 -0.05 -0.75
CA GLY C 35 6.45 -0.20 -0.24
C GLY C 35 5.69 1.11 -0.18
N GLN C 36 4.79 1.21 0.79
CA GLN C 36 4.02 2.42 1.05
C GLN C 36 4.33 2.90 2.46
N VAL C 37 4.86 4.11 2.56
CA VAL C 37 5.06 4.76 3.85
C VAL C 37 4.43 6.14 3.74
N THR C 38 3.46 6.44 4.61
CA THR C 38 2.76 7.72 4.57
C THR C 38 2.93 8.44 5.91
N TYR C 39 3.51 9.64 5.85
CA TYR C 39 3.81 10.46 7.01
C TYR C 39 2.88 11.67 7.03
N THR C 40 2.41 12.03 8.22
CA THR C 40 1.51 13.17 8.39
C THR C 40 1.95 14.03 9.56
N ASN C 41 2.12 15.33 9.32
CA ASN C 41 2.37 16.27 10.42
C ASN C 41 1.04 16.67 11.04
N GLY C 42 0.98 16.64 12.36
CA GLY C 42 -0.19 17.14 13.07
C GLY C 42 0.12 18.41 13.83
N PRO C 43 -0.83 18.83 14.66
CA PRO C 43 -0.63 20.06 15.44
C PRO C 43 0.51 19.89 16.44
N ALA C 44 1.18 21.03 16.72
CA ALA C 44 2.26 21.14 17.72
C ALA C 44 3.27 20.04 17.44
N GLY C 45 3.63 19.23 18.43
CA GLY C 45 4.69 18.25 18.25
C GLY C 45 4.22 16.89 17.77
N GLN C 46 3.03 16.80 17.16
CA GLN C 46 2.46 15.52 16.77
C GLN C 46 2.84 15.14 15.34
N TYR C 47 3.11 13.85 15.13
CA TYR C 47 3.18 13.29 13.80
C TYR C 47 2.60 11.87 13.83
N SER C 48 2.21 11.41 12.65
CA SER C 48 1.74 10.04 12.46
C SER C 48 2.45 9.43 11.27
N VAL C 49 2.65 8.12 11.31
CA VAL C 49 3.19 7.41 10.16
C VAL C 49 2.46 6.07 10.04
N GLU C 50 2.13 5.71 8.81
CA GLU C 50 1.47 4.45 8.54
C GLU C 50 2.20 3.79 7.40
N TRP C 51 2.50 2.50 7.53
CA TRP C 51 3.36 1.89 6.53
C TRP C 51 2.94 0.45 6.25
N SER C 52 3.25 0.01 5.04
CA SER C 52 2.83 -1.29 4.54
C SER C 52 3.94 -1.84 3.65
N ASN C 53 4.48 -3.01 4.02
CA ASN C 53 5.52 -3.68 3.24
C ASN C 53 6.66 -2.73 2.89
N SER C 54 7.12 -2.01 3.91
CA SER C 54 8.02 -0.88 3.68
C SER C 54 9.42 -1.36 3.35
N GLY C 55 10.20 -0.46 2.78
CA GLY C 55 11.64 -0.59 2.83
C GLY C 55 12.12 -0.01 4.15
N ASN C 56 13.28 0.64 4.14
CA ASN C 56 13.78 1.36 5.31
C ASN C 56 13.13 2.74 5.37
N PHE C 57 12.72 3.13 6.56
CA PHE C 57 12.30 4.50 6.78
C PHE C 57 12.57 4.90 8.22
N VAL C 58 12.77 6.21 8.42
CA VAL C 58 12.89 6.82 9.74
C VAL C 58 12.18 8.16 9.68
N ALA C 59 11.34 8.46 10.68
CA ALA C 59 10.53 9.67 10.60
C ALA C 59 10.21 10.20 11.99
N GLY C 60 10.23 11.51 12.15
CA GLY C 60 9.77 12.04 13.43
C GLY C 60 9.96 13.54 13.54
N LYS C 61 9.59 14.05 14.72
CA LYS C 61 9.65 15.46 15.04
C LYS C 61 10.61 15.73 16.19
N GLY C 62 11.17 16.93 16.19
CA GLY C 62 12.06 17.29 17.26
C GLY C 62 12.65 18.68 17.11
N TRP C 63 13.96 18.76 17.18
CA TRP C 63 14.66 20.02 17.34
C TRP C 63 15.86 20.07 16.43
N ASN C 64 16.22 21.27 16.02
CA ASN C 64 17.47 21.47 15.28
C ASN C 64 17.99 22.84 15.65
N PRO C 65 19.19 22.93 16.23
CA PRO C 65 20.03 21.80 16.62
C PRO C 65 19.49 21.13 17.88
N GLY C 66 19.80 19.85 18.04
CA GLY C 66 19.64 19.24 19.34
C GLY C 66 20.60 19.89 20.33
N SER C 67 20.15 20.02 21.56
CA SER C 67 20.99 20.63 22.58
C SER C 67 21.02 19.76 23.83
N SER C 68 20.99 18.44 23.62
CA SER C 68 21.07 17.48 24.72
C SER C 68 19.97 17.72 25.75
N GLN C 69 18.80 18.14 25.27
CA GLN C 69 17.75 18.49 26.21
C GLN C 69 17.05 17.24 26.71
N THR C 70 16.31 17.42 27.80
CA THR C 70 15.50 16.39 28.42
C THR C 70 14.14 16.36 27.71
N ILE C 71 13.88 15.27 26.99
CA ILE C 71 12.75 15.11 26.09
C ILE C 71 11.58 14.48 26.83
N THR C 72 10.36 14.92 26.53
CA THR C 72 9.17 14.17 26.93
C THR C 72 8.32 13.91 25.70
N TYR C 73 7.81 12.68 25.57
CA TYR C 73 6.97 12.32 24.43
C TYR C 73 5.90 11.34 24.88
N SER C 74 4.85 11.23 24.09
CA SER C 74 3.76 10.30 24.35
C SER C 74 3.23 9.81 23.01
N GLY C 75 2.48 8.72 23.03
CA GLY C 75 1.76 8.31 21.84
C GLY C 75 1.52 6.82 21.81
N GLU C 76 1.30 6.34 20.58
CA GLU C 76 0.94 4.96 20.26
C GLU C 76 1.89 4.43 19.21
N TRP C 77 2.31 3.19 19.36
CA TRP C 77 3.26 2.59 18.43
C TRP C 77 2.82 1.14 18.22
N ASN C 78 2.33 0.83 17.01
CA ASN C 78 1.66 -0.44 16.70
C ASN C 78 2.30 -1.09 15.48
N PRO C 79 3.46 -1.69 15.63
CA PRO C 79 4.12 -2.33 14.49
C PRO C 79 3.59 -3.73 14.26
N ASN C 80 3.75 -4.18 13.01
CA ASN C 80 3.57 -5.59 12.64
C ASN C 80 4.86 -5.98 11.92
N GLY C 81 5.87 -6.36 12.69
CA GLY C 81 7.19 -6.65 12.14
C GLY C 81 8.24 -5.67 12.62
N ASN C 82 9.34 -5.63 11.88
CA ASN C 82 10.55 -4.92 12.28
C ASN C 82 10.32 -3.40 12.40
N SER C 83 10.49 -2.86 13.60
CA SER C 83 10.24 -1.44 13.85
C SER C 83 10.88 -1.07 15.18
N TYR C 84 11.25 0.20 15.32
CA TYR C 84 11.64 0.65 16.64
C TYR C 84 11.31 2.12 16.81
N LEU C 85 11.21 2.51 18.07
CA LEU C 85 10.89 3.87 18.51
C LEU C 85 12.08 4.38 19.30
N SER C 86 12.61 5.54 18.94
CA SER C 86 13.85 5.98 19.55
C SER C 86 13.97 7.49 19.52
N VAL C 87 14.85 8.01 20.37
CA VAL C 87 15.41 9.34 20.15
C VAL C 87 16.57 9.19 19.19
N TYR C 88 16.57 9.98 18.13
CA TYR C 88 17.44 9.73 16.98
C TYR C 88 18.07 11.03 16.53
N GLY C 89 19.36 11.03 16.25
CA GLY C 89 19.94 12.29 15.81
C GLY C 89 21.33 12.13 15.25
N TRP C 90 21.94 13.28 14.97
CA TRP C 90 23.24 13.33 14.30
C TRP C 90 24.18 14.32 14.98
N THR C 91 25.48 14.06 14.90
CA THR C 91 26.47 15.12 15.11
C THR C 91 27.32 15.22 13.86
N GLN C 92 28.01 16.36 13.74
CA GLN C 92 28.94 16.58 12.64
C GLN C 92 30.32 16.86 13.21
N ASN C 93 31.34 16.46 12.46
CA ASN C 93 32.73 16.80 12.78
C ASN C 93 33.13 16.39 14.20
N PRO C 94 33.14 15.10 14.52
CA PRO C 94 32.90 13.95 13.63
C PRO C 94 31.42 13.64 13.36
N LEU C 95 31.18 13.06 12.19
CA LEU C 95 29.85 12.62 11.79
C LEU C 95 29.44 11.38 12.58
N VAL C 96 28.34 11.49 13.34
CA VAL C 96 27.85 10.41 14.17
C VAL C 96 26.35 10.33 14.01
N GLU C 97 25.84 9.11 13.88
CA GLU C 97 24.40 8.82 13.94
C GLU C 97 24.15 8.09 15.25
N TYR C 98 23.13 8.49 15.99
CA TYR C 98 22.89 7.87 17.27
C TYR C 98 21.41 7.58 17.50
N TYR C 99 21.15 6.55 18.31
CA TYR C 99 19.82 6.05 18.62
C TYR C 99 19.72 5.79 20.11
N ILE C 100 18.68 6.31 20.75
CA ILE C 100 18.30 5.93 22.10
C ILE C 100 17.00 5.16 21.96
N VAL C 101 17.06 3.83 21.96
CA VAL C 101 15.93 3.00 21.56
C VAL C 101 15.06 2.72 22.77
N GLU C 102 13.78 3.11 22.68
CA GLU C 102 12.82 2.93 23.76
C GLU C 102 12.01 1.65 23.63
N SER C 103 11.71 1.25 22.39
CA SER C 103 11.05 -0.01 22.09
C SER C 103 11.55 -0.51 20.75
N PHE C 104 11.65 -1.83 20.60
CA PHE C 104 11.76 -2.44 19.28
C PHE C 104 10.89 -3.68 19.25
N SER C 105 10.52 -4.13 18.05
CA SER C 105 9.58 -5.26 18.01
C SER C 105 10.29 -6.59 17.76
N THR C 106 10.51 -6.96 16.49
CA THR C 106 10.93 -8.31 16.11
C THR C 106 12.42 -8.45 15.82
N TYR C 107 13.17 -7.35 15.83
CA TYR C 107 14.60 -7.41 15.52
C TYR C 107 15.27 -6.34 16.37
N ASP C 108 16.26 -6.73 17.15
CA ASP C 108 17.02 -5.79 17.95
C ASP C 108 17.94 -5.01 17.01
N PRO C 109 17.72 -3.70 16.82
CA PRO C 109 18.52 -2.97 15.84
C PRO C 109 19.97 -2.79 16.24
N SER C 110 20.33 -3.11 17.49
CA SER C 110 21.73 -3.12 17.90
C SER C 110 22.47 -4.37 17.46
N THR C 111 21.79 -5.33 16.83
CA THR C 111 22.44 -6.56 16.39
C THR C 111 23.61 -6.27 15.47
N GLY C 112 24.75 -6.89 15.75
CA GLY C 112 25.96 -6.65 15.00
C GLY C 112 26.84 -5.55 15.56
N ALA C 113 26.35 -4.81 16.54
CA ALA C 113 27.14 -3.75 17.16
C ALA C 113 27.85 -4.26 18.41
N GLN C 114 28.97 -3.61 18.75
CA GLN C 114 29.73 -4.03 19.92
C GLN C 114 29.12 -3.45 21.20
N GLU C 115 28.79 -4.34 22.13
CA GLU C 115 28.26 -3.95 23.43
C GLU C 115 29.39 -3.41 24.31
N LEU C 116 29.17 -2.22 24.90
CA LEU C 116 30.20 -1.54 25.66
C LEU C 116 29.88 -1.40 27.15
N GLY C 117 28.63 -1.53 27.54
CA GLY C 117 28.27 -1.32 28.93
C GLY C 117 26.80 -0.96 29.03
N THR C 118 26.46 -0.30 30.14
CA THR C 118 25.08 0.08 30.40
C THR C 118 25.04 1.46 31.04
N VAL C 119 23.85 2.06 30.99
CA VAL C 119 23.57 3.30 31.70
C VAL C 119 22.18 3.18 32.31
N GLU C 120 22.03 3.67 33.53
CA GLU C 120 20.73 3.72 34.20
C GLU C 120 20.21 5.15 34.14
N THR C 121 19.04 5.33 33.54
CA THR C 121 18.45 6.65 33.42
C THR C 121 16.97 6.49 33.14
N ASP C 122 16.18 7.44 33.64
CA ASP C 122 14.75 7.51 33.37
C ASP C 122 14.04 6.20 33.71
N ASP C 123 14.32 5.70 34.91
CA ASP C 123 13.65 4.51 35.46
C ASP C 123 13.92 3.27 34.63
N GLY C 124 15.04 3.25 33.91
CA GLY C 124 15.34 2.12 33.06
C GLY C 124 16.83 1.85 33.01
N THR C 125 17.17 0.72 32.41
CA THR C 125 18.54 0.33 32.13
C THR C 125 18.69 0.22 30.62
N TYR C 126 19.76 0.81 30.09
CA TYR C 126 20.03 0.82 28.65
C TYR C 126 21.37 0.15 28.39
N LYS C 127 21.41 -0.74 27.42
CA LYS C 127 22.68 -1.27 26.95
C LYS C 127 23.24 -0.38 25.86
N ILE C 128 24.56 -0.11 25.93
CA ILE C 128 25.26 0.81 25.04
C ILE C 128 26.05 0.02 24.02
N TYR C 129 26.00 0.45 22.75
CA TYR C 129 26.69 -0.21 21.66
C TYR C 129 27.32 0.82 20.72
N GLN C 130 28.31 0.37 19.95
CA GLN C 130 28.89 1.17 18.88
C GLN C 130 29.12 0.31 17.64
N THR C 131 28.86 0.88 16.46
CA THR C 131 29.27 0.30 15.17
C THR C 131 29.71 1.40 14.24
N THR C 132 29.96 1.01 13.00
CA THR C 132 30.26 1.91 11.90
C THR C 132 29.31 1.61 10.76
N ARG C 133 29.01 2.64 10.00
CA ARG C 133 28.26 2.51 8.75
C ARG C 133 29.16 2.98 7.63
N GLU C 134 29.32 2.14 6.60
CA GLU C 134 30.26 2.38 5.51
C GLU C 134 29.49 2.76 4.26
N ASN C 135 29.89 3.87 3.62
CA ASN C 135 29.31 4.31 2.35
C ASN C 135 27.78 4.27 2.42
N ALA C 136 27.25 4.97 3.40
CA ALA C 136 25.84 4.89 3.76
C ALA C 136 25.19 6.26 3.62
N PRO C 137 23.86 6.32 3.52
CA PRO C 137 23.18 7.61 3.52
C PRO C 137 23.42 8.34 4.83
N SER C 138 23.49 9.67 4.73
CA SER C 138 23.80 10.51 5.87
C SER C 138 23.31 11.93 5.60
N ILE C 139 23.28 12.74 6.66
CA ILE C 139 22.91 14.14 6.50
C ILE C 139 23.91 14.91 5.64
N GLU C 140 25.05 14.30 5.33
CA GLU C 140 26.03 14.95 4.46
C GLU C 140 26.14 14.28 3.08
N GLY C 141 25.28 13.31 2.79
CA GLY C 141 25.41 12.50 1.59
C GLY C 141 26.03 11.16 1.93
N THR C 142 26.42 10.43 0.89
CA THR C 142 27.03 9.13 1.12
C THR C 142 28.30 9.29 1.95
N ALA C 143 28.38 8.56 3.06
CA ALA C 143 29.51 8.78 3.96
C ALA C 143 29.72 7.57 4.84
N THR C 144 30.87 7.57 5.51
CA THR C 144 31.22 6.58 6.52
C THR C 144 31.24 7.29 7.87
N PHE C 145 30.56 6.71 8.85
CA PHE C 145 30.37 7.39 10.13
C PHE C 145 30.19 6.38 11.23
N ASN C 146 30.42 6.82 12.47
CA ASN C 146 30.15 5.99 13.63
C ASN C 146 28.66 6.04 13.96
N GLN C 147 28.17 4.95 14.55
CA GLN C 147 26.76 4.83 14.92
C GLN C 147 26.72 4.33 16.36
N TYR C 148 26.06 5.08 17.24
CA TYR C 148 26.00 4.75 18.66
C TYR C 148 24.58 4.35 19.04
N TRP C 149 24.46 3.40 19.96
CA TRP C 149 23.17 2.86 20.40
C TRP C 149 23.08 2.83 21.92
N SER C 150 21.88 3.17 22.40
CA SER C 150 21.46 2.95 23.77
C SER C 150 20.11 2.27 23.68
N VAL C 151 19.98 1.04 24.19
CA VAL C 151 18.78 0.24 23.97
C VAL C 151 18.15 -0.14 25.32
N ARG C 152 16.95 0.37 25.58
CA ARG C 152 16.28 0.12 26.86
C ARG C 152 15.99 -1.36 27.06
N THR C 153 16.27 -1.87 28.26
CA THR C 153 16.06 -3.30 28.49
C THR C 153 14.59 -3.65 28.64
N ASP C 154 13.81 -2.80 29.30
CA ASP C 154 12.35 -2.96 29.41
C ASP C 154 11.69 -1.89 28.55
N HIS C 155 11.05 -2.31 27.47
CA HIS C 155 10.57 -1.40 26.46
C HIS C 155 9.39 -0.57 26.96
N ARG C 156 9.30 0.66 26.47
CA ARG C 156 8.16 1.50 26.79
C ARG C 156 7.85 2.39 25.58
N VAL C 157 6.63 2.94 25.59
CA VAL C 157 6.19 3.90 24.59
C VAL C 157 5.72 5.13 25.35
N GLY C 158 6.56 6.15 25.40
CA GLY C 158 6.23 7.37 26.10
C GLY C 158 7.01 7.52 27.39
N GLY C 159 7.34 8.76 27.70
CA GLY C 159 8.02 9.07 28.94
C GLY C 159 9.00 10.20 28.73
N THR C 160 9.98 10.27 29.63
CA THR C 160 11.01 11.28 29.57
C THR C 160 12.35 10.63 29.28
N VAL C 161 13.11 11.23 28.37
CA VAL C 161 14.44 10.74 28.00
C VAL C 161 15.42 11.85 28.31
N THR C 162 16.30 11.61 29.29
CA THR C 162 17.30 12.61 29.66
C THR C 162 18.51 12.36 28.78
N THR C 163 18.54 13.02 27.60
CA THR C 163 19.51 12.64 26.59
C THR C 163 20.95 12.88 27.05
N GLN C 164 21.18 13.88 27.90
CA GLN C 164 22.55 14.11 28.37
C GLN C 164 23.12 12.88 29.08
N ASN C 165 22.26 12.11 29.77
CA ASN C 165 22.75 10.91 30.46
C ASN C 165 23.26 9.87 29.47
N HIS C 166 22.64 9.79 28.29
CA HIS C 166 23.12 8.86 27.27
C HIS C 166 24.40 9.38 26.63
N PHE C 167 24.44 10.67 26.28
CA PHE C 167 25.66 11.24 25.71
C PHE C 167 26.82 11.09 26.70
N ASP C 168 26.57 11.32 27.99
CA ASP C 168 27.61 11.15 29.01
C ASP C 168 28.09 9.71 29.08
N ALA C 169 27.16 8.74 29.03
CA ALA C 169 27.54 7.34 29.07
C ALA C 169 28.38 6.96 27.86
N TRP C 170 27.99 7.42 26.67
CA TRP C 170 28.77 7.13 25.47
C TRP C 170 30.17 7.72 25.58
N LYS C 171 30.24 8.96 26.04
CA LYS C 171 31.53 9.64 26.18
C LYS C 171 32.39 8.95 27.24
N ASN C 172 31.75 8.49 28.33
CA ASN C 172 32.47 7.73 29.37
C ASN C 172 33.04 6.42 28.84
N ALA C 173 32.35 5.77 27.91
CA ALA C 173 32.88 4.60 27.24
C ALA C 173 33.90 4.96 26.16
N GLY C 174 34.22 6.25 26.01
CA GLY C 174 35.25 6.66 25.08
C GLY C 174 34.78 7.03 23.70
N LEU C 175 33.47 7.14 23.48
CA LEU C 175 32.94 7.44 22.16
C LEU C 175 32.90 8.96 21.95
N GLU C 176 33.43 9.40 20.82
CA GLU C 176 33.48 10.82 20.50
C GLU C 176 32.20 11.27 19.82
N MET C 177 31.73 12.45 20.18
CA MET C 177 30.61 13.12 19.53
C MET C 177 31.05 14.47 19.00
N GLY C 178 30.46 14.89 17.90
CA GLY C 178 30.72 16.18 17.31
C GLY C 178 29.70 17.23 17.70
N THR C 179 29.54 18.21 16.83
CA THR C 179 28.58 19.28 17.04
C THR C 179 27.20 18.77 16.68
N HIS C 180 26.21 19.05 17.54
CA HIS C 180 24.90 18.45 17.34
C HIS C 180 24.17 19.07 16.17
N ASN C 181 23.61 18.21 15.33
CA ASN C 181 22.65 18.60 14.30
C ASN C 181 21.27 18.24 14.84
N TYR C 182 20.41 17.63 14.04
CA TYR C 182 19.05 17.50 14.54
C TYR C 182 18.90 16.33 15.52
N MET C 183 17.80 16.37 16.27
CA MET C 183 17.45 15.31 17.21
C MET C 183 15.93 15.18 17.20
N ILE C 184 15.43 13.97 16.96
CA ILE C 184 13.98 13.78 16.83
C ILE C 184 13.57 12.56 17.64
N VAL C 185 12.27 12.46 17.93
CA VAL C 185 11.71 11.23 18.45
C VAL C 185 11.16 10.48 17.24
N ALA C 186 11.83 9.41 16.85
CA ALA C 186 11.62 8.83 15.53
C ALA C 186 10.97 7.46 15.61
N THR C 187 10.10 7.20 14.65
CA THR C 187 9.59 5.86 14.36
C THR C 187 10.35 5.32 13.16
N ALA C 188 10.86 4.10 13.27
CA ALA C 188 11.60 3.48 12.17
C ALA C 188 11.03 2.12 11.86
N GLY C 189 11.20 1.70 10.60
CA GLY C 189 10.70 0.39 10.20
C GLY C 189 11.47 -0.13 9.02
N TYR C 190 11.45 -1.45 8.87
CA TYR C 190 12.07 -2.08 7.72
C TYR C 190 11.34 -3.37 7.39
N GLN C 191 10.91 -3.51 6.14
CA GLN C 191 10.21 -4.68 5.63
C GLN C 191 9.13 -5.16 6.61
N SER C 192 8.23 -4.22 6.92
CA SER C 192 7.18 -4.46 7.89
C SER C 192 5.98 -3.58 7.55
N SER C 193 4.96 -3.66 8.39
CA SER C 193 3.79 -2.81 8.34
C SER C 193 3.56 -2.27 9.74
N GLY C 194 2.75 -1.23 9.85
CA GLY C 194 2.47 -0.72 11.18
C GLY C 194 1.86 0.66 11.10
N SER C 195 1.61 1.21 12.28
CA SER C 195 1.22 2.60 12.41
C SER C 195 1.74 3.14 13.73
N ALA C 196 1.94 4.45 13.78
CA ALA C 196 2.36 5.09 15.00
C ALA C 196 1.84 6.51 15.00
N SER C 197 1.55 7.02 16.19
CA SER C 197 1.16 8.43 16.37
C SER C 197 1.88 8.93 17.60
N ILE C 198 2.78 9.89 17.43
CA ILE C 198 3.68 10.32 18.49
C ILE C 198 3.56 11.82 18.67
N THR C 199 3.54 12.27 19.92
CA THR C 199 3.53 13.70 20.23
C THR C 199 4.75 14.03 21.06
N VAL C 200 5.58 14.92 20.53
CA VAL C 200 6.74 15.42 21.25
C VAL C 200 6.35 16.71 21.96
N GLN C 201 6.81 16.89 23.19
CA GLN C 201 6.48 18.10 23.95
C GLN C 201 7.60 19.14 23.91
N MET D 12 25.49 -32.68 14.36
CA MET D 12 24.05 -32.57 14.17
C MET D 12 23.63 -31.15 13.82
N GLU D 13 23.85 -30.21 14.74
CA GLU D 13 23.45 -28.82 14.50
C GLU D 13 24.52 -28.12 13.67
N ILE D 14 24.10 -27.45 12.60
CA ILE D 14 25.04 -26.71 11.77
C ILE D 14 24.59 -25.25 11.67
N THR D 15 25.59 -24.36 11.62
CA THR D 15 25.36 -22.93 11.69
C THR D 15 25.99 -22.16 10.54
N SER D 16 26.59 -22.87 9.58
CA SER D 16 27.14 -22.29 8.36
C SER D 16 26.59 -23.07 7.17
N SER D 17 26.57 -22.39 6.01
CA SER D 17 25.94 -22.96 4.83
C SER D 17 26.53 -24.31 4.45
N GLU D 18 25.67 -25.21 3.97
CA GLU D 18 26.00 -26.60 3.70
C GLU D 18 24.91 -27.20 2.83
N THR D 19 25.29 -28.09 1.92
CA THR D 19 24.33 -28.94 1.23
C THR D 19 24.77 -30.39 1.37
N GLY D 20 23.85 -31.29 1.05
CA GLY D 20 24.17 -32.71 1.14
C GLY D 20 22.94 -33.56 0.94
N THR D 21 23.06 -34.83 1.35
CA THR D 21 21.96 -35.77 1.40
C THR D 21 21.79 -36.25 2.83
N ASN D 22 20.54 -36.36 3.28
CA ASN D 22 20.26 -36.83 4.63
C ASN D 22 19.00 -37.67 4.61
N ASN D 23 19.14 -38.94 5.02
CA ASN D 23 18.02 -39.89 5.09
C ASN D 23 17.23 -39.93 3.78
N GLY D 24 17.95 -39.91 2.65
CA GLY D 24 17.34 -40.05 1.35
C GLY D 24 16.88 -38.76 0.71
N TYR D 25 17.02 -37.62 1.38
CA TYR D 25 16.60 -36.34 0.86
C TYR D 25 17.80 -35.42 0.69
N TYR D 26 17.81 -34.67 -0.42
CA TYR D 26 18.71 -33.55 -0.58
C TYR D 26 18.37 -32.48 0.45
N TYR D 27 19.38 -31.80 0.96
CA TYR D 27 19.12 -30.65 1.81
C TYR D 27 20.04 -29.51 1.42
N SER D 28 19.53 -28.30 1.59
CA SER D 28 20.32 -27.10 1.36
C SER D 28 20.07 -26.16 2.51
N PHE D 29 21.15 -25.71 3.14
CA PHE D 29 21.10 -24.70 4.17
C PHE D 29 22.04 -23.59 3.75
N TRP D 30 21.50 -22.38 3.60
CA TRP D 30 22.34 -21.23 3.27
C TRP D 30 22.05 -20.12 4.26
N THR D 31 23.10 -19.52 4.82
CA THR D 31 22.92 -18.31 5.61
C THR D 31 24.03 -17.33 5.26
N ASP D 32 23.69 -16.03 5.29
CA ASP D 32 24.70 -15.02 5.04
C ASP D 32 25.56 -14.73 6.27
N GLY D 33 25.34 -15.44 7.39
CA GLY D 33 26.15 -15.32 8.57
C GLY D 33 25.64 -14.36 9.64
N GLY D 34 24.57 -13.61 9.37
CA GLY D 34 24.06 -12.68 10.36
C GLY D 34 23.32 -13.38 11.49
N GLY D 35 23.43 -12.80 12.68
CA GLY D 35 22.74 -13.32 13.86
C GLY D 35 23.15 -14.75 14.15
N GLN D 36 22.17 -15.53 14.64
CA GLN D 36 22.31 -16.95 14.90
C GLN D 36 21.25 -17.72 14.13
N VAL D 37 21.67 -18.68 13.32
CA VAL D 37 20.75 -19.54 12.57
C VAL D 37 21.27 -20.96 12.70
N THR D 38 20.44 -21.86 13.23
CA THR D 38 20.86 -23.22 13.53
C THR D 38 19.95 -24.19 12.80
N TYR D 39 20.54 -25.01 11.94
CA TYR D 39 19.83 -25.96 11.11
C TYR D 39 20.12 -27.38 11.60
N THR D 40 19.10 -28.22 11.68
CA THR D 40 19.31 -29.61 12.08
C THR D 40 18.51 -30.53 11.18
N ASN D 41 19.19 -31.56 10.67
CA ASN D 41 18.52 -32.59 9.90
C ASN D 41 17.84 -33.57 10.84
N GLY D 42 16.64 -34.01 10.47
CA GLY D 42 15.93 -35.01 11.22
C GLY D 42 15.70 -36.26 10.40
N PRO D 43 14.95 -37.21 10.96
CA PRO D 43 14.69 -38.46 10.23
C PRO D 43 13.83 -38.25 8.99
N ALA D 44 14.10 -39.08 7.98
CA ALA D 44 13.38 -39.06 6.68
C ALA D 44 13.43 -37.63 6.13
N GLY D 45 12.31 -37.03 5.76
CA GLY D 45 12.34 -35.73 5.14
C GLY D 45 12.19 -34.55 6.08
N GLN D 46 12.50 -34.74 7.37
CA GLN D 46 12.32 -33.70 8.37
C GLN D 46 13.57 -32.84 8.50
N TYR D 47 13.36 -31.55 8.70
CA TYR D 47 14.43 -30.68 9.17
C TYR D 47 13.84 -29.66 10.14
N SER D 48 14.73 -29.02 10.91
CA SER D 48 14.33 -27.93 11.79
C SER D 48 15.32 -26.79 11.67
N VAL D 49 14.84 -25.58 11.88
CA VAL D 49 15.70 -24.40 11.90
C VAL D 49 15.22 -23.49 13.02
N GLU D 50 16.18 -22.94 13.76
CA GLU D 50 15.91 -21.98 14.81
C GLU D 50 16.81 -20.79 14.58
N TRP D 51 16.25 -19.59 14.71
CA TRP D 51 17.05 -18.42 14.38
C TRP D 51 16.73 -17.26 15.31
N SER D 52 17.71 -16.38 15.46
CA SER D 52 17.64 -15.24 16.36
C SER D 52 18.34 -14.07 15.70
N ASN D 53 17.58 -12.99 15.46
CA ASN D 53 18.12 -11.74 14.89
C ASN D 53 18.96 -12.02 13.65
N SER D 54 18.39 -12.77 12.73
CA SER D 54 19.15 -13.34 11.63
C SER D 54 19.48 -12.30 10.55
N GLY D 55 20.43 -12.65 9.70
CA GLY D 55 20.54 -12.02 8.39
C GLY D 55 19.59 -12.74 7.45
N ASN D 56 20.01 -12.95 6.20
CA ASN D 56 19.24 -13.74 5.25
C ASN D 56 19.60 -15.21 5.42
N PHE D 57 18.60 -16.08 5.33
CA PHE D 57 18.87 -17.52 5.30
C PHE D 57 17.74 -18.23 4.57
N VAL D 58 18.07 -19.38 3.97
CA VAL D 58 17.10 -20.27 3.34
C VAL D 58 17.51 -21.69 3.67
N ALA D 59 16.58 -22.53 4.09
CA ALA D 59 16.92 -23.88 4.52
C ALA D 59 15.79 -24.84 4.20
N GLY D 60 16.13 -26.04 3.74
CA GLY D 60 15.09 -27.04 3.62
C GLY D 60 15.57 -28.31 2.99
N LYS D 61 14.63 -29.25 2.85
CA LYS D 61 14.90 -30.55 2.24
C LYS D 61 14.07 -30.71 0.98
N GLY D 62 14.59 -31.52 0.07
CA GLY D 62 13.88 -31.83 -1.16
C GLY D 62 14.72 -32.69 -2.09
N TRP D 63 14.98 -32.17 -3.29
CA TRP D 63 15.58 -32.94 -4.37
C TRP D 63 16.57 -32.08 -5.13
N ASN D 64 17.61 -32.73 -5.66
CA ASN D 64 18.50 -32.04 -6.58
C ASN D 64 19.04 -33.02 -7.62
N PRO D 65 18.64 -32.90 -8.88
CA PRO D 65 17.69 -31.91 -9.41
C PRO D 65 16.22 -32.15 -9.04
N GLY D 66 15.45 -31.07 -8.96
CA GLY D 66 14.01 -31.23 -8.84
C GLY D 66 13.39 -31.73 -10.13
N SER D 67 12.23 -32.36 -10.00
CA SER D 67 11.56 -33.02 -11.13
C SER D 67 10.06 -32.72 -11.13
N SER D 68 9.67 -31.51 -10.74
CA SER D 68 8.26 -31.09 -10.83
C SER D 68 7.32 -32.07 -10.13
N GLN D 69 7.77 -32.67 -9.05
CA GLN D 69 6.92 -33.64 -8.39
C GLN D 69 5.83 -32.94 -7.59
N THR D 70 4.79 -33.71 -7.27
CA THR D 70 3.77 -33.25 -6.33
C THR D 70 4.31 -33.45 -4.92
N ILE D 71 4.41 -32.36 -4.17
CA ILE D 71 5.04 -32.39 -2.86
C ILE D 71 3.95 -32.42 -1.79
N THR D 72 4.20 -33.18 -0.73
CA THR D 72 3.39 -33.17 0.48
C THR D 72 4.31 -32.79 1.63
N TYR D 73 3.88 -31.85 2.47
CA TYR D 73 4.71 -31.42 3.58
C TYR D 73 3.82 -31.13 4.77
N SER D 74 4.41 -31.20 5.96
CA SER D 74 3.68 -30.98 7.21
C SER D 74 4.65 -30.38 8.23
N GLY D 75 4.11 -29.97 9.37
CA GLY D 75 4.94 -29.52 10.46
C GLY D 75 4.47 -28.20 11.06
N GLU D 76 5.41 -27.41 11.55
CA GLU D 76 5.06 -26.14 12.17
C GLU D 76 6.11 -25.10 11.82
N TRP D 77 5.65 -23.85 11.80
CA TRP D 77 6.44 -22.73 11.30
C TRP D 77 6.05 -21.54 12.16
N ASN D 78 6.97 -21.10 13.03
CA ASN D 78 6.68 -20.12 14.09
C ASN D 78 7.65 -18.94 13.99
N PRO D 79 7.47 -18.07 13.00
CA PRO D 79 8.32 -16.88 12.90
C PRO D 79 7.87 -15.75 13.82
N ASN D 80 8.85 -15.00 14.30
CA ASN D 80 8.63 -13.68 14.94
C ASN D 80 9.34 -12.65 14.05
N GLY D 81 8.62 -12.12 13.08
CA GLY D 81 9.18 -11.25 12.06
C GLY D 81 9.21 -11.93 10.70
N ASN D 82 9.95 -11.31 9.79
CA ASN D 82 9.92 -11.62 8.37
C ASN D 82 10.37 -13.06 8.10
N SER D 83 9.50 -13.86 7.50
CA SER D 83 9.87 -15.22 7.15
C SER D 83 8.93 -15.71 6.06
N TYR D 84 9.41 -16.61 5.20
CA TYR D 84 8.61 -17.27 4.17
C TYR D 84 8.65 -18.78 4.38
N LEU D 85 7.56 -19.45 4.06
CA LEU D 85 7.52 -20.91 3.93
C LEU D 85 7.09 -21.21 2.50
N SER D 86 7.94 -21.93 1.75
CA SER D 86 7.73 -22.02 0.31
C SER D 86 8.32 -23.29 -0.25
N VAL D 87 7.75 -23.73 -1.36
CA VAL D 87 8.50 -24.60 -2.26
C VAL D 87 9.41 -23.71 -3.08
N TYR D 88 10.71 -24.02 -3.08
CA TYR D 88 11.74 -23.06 -3.46
C TYR D 88 12.79 -23.79 -4.29
N GLY D 89 13.23 -23.15 -5.36
CA GLY D 89 14.18 -23.84 -6.21
C GLY D 89 14.81 -22.93 -7.25
N TRP D 90 15.66 -23.55 -8.08
CA TRP D 90 16.41 -22.84 -9.10
C TRP D 90 16.32 -23.59 -10.42
N THR D 91 16.38 -22.83 -11.52
CA THR D 91 16.73 -23.40 -12.82
C THR D 91 17.95 -22.68 -13.36
N GLN D 92 18.54 -23.26 -14.40
CA GLN D 92 19.70 -22.70 -15.07
C GLN D 92 19.43 -22.67 -16.56
N ASN D 93 20.05 -21.70 -17.25
CA ASN D 93 19.85 -21.43 -18.68
C ASN D 93 18.37 -21.42 -19.07
N PRO D 94 17.59 -20.41 -18.64
CA PRO D 94 18.04 -19.26 -17.86
C PRO D 94 18.14 -19.52 -16.35
N LEU D 95 18.98 -18.73 -15.69
CA LEU D 95 19.08 -18.74 -14.24
C LEU D 95 17.84 -18.10 -13.63
N VAL D 96 17.08 -18.88 -12.88
CA VAL D 96 15.84 -18.42 -12.27
C VAL D 96 15.79 -18.91 -10.83
N GLU D 97 15.41 -18.03 -9.90
CA GLU D 97 15.04 -18.42 -8.55
C GLU D 97 13.52 -18.35 -8.46
N TYR D 98 12.88 -19.43 -7.99
CA TYR D 98 11.42 -19.44 -7.96
C TYR D 98 10.90 -19.82 -6.58
N TYR D 99 9.68 -19.33 -6.29
CA TYR D 99 9.03 -19.52 -5.00
C TYR D 99 7.56 -19.86 -5.22
N ILE D 100 7.09 -20.92 -4.58
CA ILE D 100 5.67 -21.14 -4.39
C ILE D 100 5.43 -20.90 -2.90
N VAL D 101 4.98 -19.68 -2.57
CA VAL D 101 4.92 -19.24 -1.19
C VAL D 101 3.61 -19.69 -0.57
N GLU D 102 3.71 -20.52 0.47
CA GLU D 102 2.57 -21.06 1.21
C GLU D 102 2.14 -20.16 2.35
N SER D 103 3.11 -19.59 3.06
CA SER D 103 2.86 -18.52 4.03
C SER D 103 3.99 -17.51 3.97
N PHE D 104 3.67 -16.26 4.27
CA PHE D 104 4.67 -15.29 4.71
C PHE D 104 4.12 -14.61 5.94
N SER D 105 5.00 -13.97 6.70
CA SER D 105 4.57 -13.41 7.97
C SER D 105 4.31 -11.92 7.78
N THR D 106 5.32 -11.09 8.02
CA THR D 106 5.15 -9.65 8.16
C THR D 106 5.51 -8.86 6.91
N TYR D 107 6.01 -9.51 5.86
CA TYR D 107 6.43 -8.81 4.66
C TYR D 107 6.05 -9.62 3.42
N ASP D 108 5.33 -8.99 2.51
CA ASP D 108 4.92 -9.63 1.25
C ASP D 108 6.04 -9.51 0.22
N PRO D 109 6.62 -10.62 -0.23
CA PRO D 109 7.74 -10.54 -1.20
C PRO D 109 7.35 -10.04 -2.59
N SER D 110 6.07 -9.99 -2.92
CA SER D 110 5.65 -9.49 -4.23
C SER D 110 5.53 -7.97 -4.29
N THR D 111 5.83 -7.28 -3.18
CA THR D 111 5.64 -5.84 -3.11
C THR D 111 6.36 -5.11 -4.24
N GLY D 112 5.61 -4.26 -4.95
CA GLY D 112 6.15 -3.47 -6.03
C GLY D 112 6.21 -4.14 -7.38
N ALA D 113 5.86 -5.43 -7.46
CA ALA D 113 5.90 -6.17 -8.72
C ALA D 113 4.52 -6.18 -9.37
N GLN D 114 4.51 -6.18 -10.70
CA GLN D 114 3.26 -6.29 -11.44
C GLN D 114 2.69 -7.69 -11.30
N GLU D 115 1.42 -7.79 -10.94
CA GLU D 115 0.74 -9.08 -10.94
C GLU D 115 0.53 -9.55 -12.37
N LEU D 116 0.89 -10.80 -12.64
CA LEU D 116 0.86 -11.34 -13.99
C LEU D 116 -0.27 -12.32 -14.22
N GLY D 117 -1.01 -12.69 -13.18
CA GLY D 117 -2.08 -13.66 -13.31
C GLY D 117 -2.26 -14.38 -12.00
N THR D 118 -3.13 -15.39 -12.03
CA THR D 118 -3.40 -16.23 -10.87
C THR D 118 -3.46 -17.68 -11.32
N VAL D 119 -3.31 -18.59 -10.35
CA VAL D 119 -3.49 -20.02 -10.60
C VAL D 119 -4.23 -20.64 -9.43
N GLU D 120 -5.24 -21.45 -9.74
CA GLU D 120 -6.00 -22.20 -8.75
C GLU D 120 -5.43 -23.60 -8.66
N THR D 121 -5.00 -24.01 -7.48
CA THR D 121 -4.43 -25.33 -7.31
C THR D 121 -4.36 -25.65 -5.83
N ASP D 122 -4.53 -26.94 -5.52
CA ASP D 122 -4.40 -27.47 -4.16
C ASP D 122 -5.27 -26.67 -3.18
N ASP D 123 -6.53 -26.47 -3.58
CA ASP D 123 -7.56 -25.84 -2.76
C ASP D 123 -7.20 -24.41 -2.38
N GLY D 124 -6.43 -23.73 -3.23
CA GLY D 124 -6.05 -22.36 -2.98
C GLY D 124 -5.92 -21.60 -4.28
N THR D 125 -5.69 -20.30 -4.13
CA THR D 125 -5.39 -19.40 -5.23
C THR D 125 -4.04 -18.74 -4.98
N TYR D 126 -3.23 -18.64 -6.03
CA TYR D 126 -1.89 -18.06 -5.96
C TYR D 126 -1.77 -16.94 -6.99
N LYS D 127 -1.23 -15.80 -6.57
CA LYS D 127 -0.95 -14.72 -7.51
C LYS D 127 0.48 -14.83 -8.03
N ILE D 128 0.66 -14.57 -9.33
CA ILE D 128 1.93 -14.74 -10.03
C ILE D 128 2.62 -13.39 -10.20
N TYR D 129 3.93 -13.37 -9.95
CA TYR D 129 4.76 -12.18 -10.10
C TYR D 129 6.14 -12.57 -10.62
N GLN D 130 6.80 -11.59 -11.23
CA GLN D 130 8.21 -11.68 -11.59
C GLN D 130 8.96 -10.48 -11.03
N THR D 131 10.10 -10.74 -10.41
CA THR D 131 11.03 -9.70 -9.95
C THR D 131 12.42 -10.02 -10.48
N THR D 132 13.38 -9.18 -10.12
CA THR D 132 14.76 -9.29 -10.61
C THR D 132 15.72 -9.06 -9.47
N ARG D 133 16.84 -9.79 -9.48
CA ARG D 133 17.91 -9.62 -8.52
C ARG D 133 19.21 -9.30 -9.26
N GLU D 134 19.94 -8.31 -8.77
CA GLU D 134 21.18 -7.85 -9.39
C GLU D 134 22.35 -8.00 -8.42
N ASN D 135 23.43 -8.60 -8.89
CA ASN D 135 24.66 -8.77 -8.10
C ASN D 135 24.35 -9.41 -6.74
N ALA D 136 23.62 -10.52 -6.79
CA ALA D 136 23.09 -11.19 -5.61
C ALA D 136 23.61 -12.62 -5.54
N PRO D 137 23.61 -13.22 -4.34
CA PRO D 137 24.01 -14.64 -4.23
C PRO D 137 23.09 -15.52 -5.05
N SER D 138 23.67 -16.60 -5.59
CA SER D 138 22.90 -17.56 -6.37
C SER D 138 23.63 -18.90 -6.35
N ILE D 139 23.03 -19.89 -7.00
CA ILE D 139 23.67 -21.19 -7.15
C ILE D 139 24.85 -21.13 -8.11
N GLU D 140 25.03 -19.99 -8.80
CA GLU D 140 26.15 -19.77 -9.70
C GLU D 140 27.11 -18.72 -9.16
N GLY D 141 27.07 -18.44 -7.86
CA GLY D 141 27.79 -17.32 -7.30
C GLY D 141 27.06 -16.02 -7.56
N THR D 142 27.77 -14.91 -7.34
CA THR D 142 27.20 -13.59 -7.56
C THR D 142 26.69 -13.46 -8.99
N ALA D 143 25.43 -13.04 -9.13
CA ALA D 143 24.80 -13.10 -10.44
C ALA D 143 23.57 -12.22 -10.47
N THR D 144 23.06 -12.00 -11.68
CA THR D 144 21.83 -11.28 -11.93
C THR D 144 20.85 -12.25 -12.55
N PHE D 145 19.62 -12.29 -12.02
CA PHE D 145 18.67 -13.31 -12.42
C PHE D 145 17.27 -12.83 -12.07
N ASN D 146 16.29 -13.45 -12.71
CA ASN D 146 14.90 -13.19 -12.42
C ASN D 146 14.40 -14.13 -11.32
N GLN D 147 13.34 -13.70 -10.64
CA GLN D 147 12.66 -14.49 -9.64
C GLN D 147 11.21 -14.67 -10.06
N TYR D 148 10.69 -15.89 -9.97
CA TYR D 148 9.28 -16.13 -10.24
C TYR D 148 8.57 -16.46 -8.92
N TRP D 149 7.40 -15.88 -8.73
CA TRP D 149 6.64 -16.01 -7.50
C TRP D 149 5.25 -16.56 -7.80
N SER D 150 4.81 -17.50 -6.96
CA SER D 150 3.43 -17.90 -6.79
C SER D 150 3.10 -17.71 -5.33
N VAL D 151 2.22 -16.76 -5.00
CA VAL D 151 1.97 -16.38 -3.61
C VAL D 151 0.54 -16.74 -3.25
N ARG D 152 0.38 -17.69 -2.33
CA ARG D 152 -0.95 -18.15 -1.92
C ARG D 152 -1.72 -16.99 -1.27
N THR D 153 -2.99 -16.83 -1.65
CA THR D 153 -3.77 -15.73 -1.10
C THR D 153 -4.23 -16.00 0.33
N ASP D 154 -4.33 -17.27 0.73
CA ASP D 154 -4.73 -17.70 2.06
C ASP D 154 -3.62 -18.56 2.66
N HIS D 155 -2.80 -17.98 3.53
CA HIS D 155 -1.60 -18.66 3.99
C HIS D 155 -1.93 -19.91 4.80
N ARG D 156 -1.08 -20.93 4.66
CA ARG D 156 -1.26 -22.17 5.39
C ARG D 156 0.11 -22.78 5.67
N VAL D 157 0.12 -23.73 6.61
CA VAL D 157 1.31 -24.49 6.96
C VAL D 157 0.94 -25.96 6.79
N GLY D 158 1.33 -26.55 5.66
CA GLY D 158 1.08 -27.96 5.44
C GLY D 158 0.15 -28.16 4.27
N GLY D 159 0.22 -29.33 3.66
CA GLY D 159 -0.69 -29.64 2.58
C GLY D 159 0.08 -30.20 1.41
N THR D 160 -0.54 -30.11 0.24
CA THR D 160 -0.02 -30.64 -1.01
C THR D 160 0.28 -29.48 -1.95
N VAL D 161 1.42 -29.55 -2.63
CA VAL D 161 1.77 -28.57 -3.66
C VAL D 161 2.02 -29.33 -4.95
N THR D 162 1.14 -29.14 -5.93
CA THR D 162 1.29 -29.72 -7.27
C THR D 162 2.15 -28.76 -8.09
N THR D 163 3.48 -28.96 -8.04
CA THR D 163 4.37 -27.95 -8.61
C THR D 163 4.14 -27.78 -10.10
N GLN D 164 3.77 -28.84 -10.82
CA GLN D 164 3.55 -28.70 -12.26
C GLN D 164 2.48 -27.67 -12.59
N ASN D 165 1.45 -27.53 -11.75
CA ASN D 165 0.41 -26.55 -12.00
C ASN D 165 0.96 -25.13 -11.93
N HIS D 166 1.92 -24.90 -11.03
CA HIS D 166 2.57 -23.60 -10.95
C HIS D 166 3.50 -23.38 -12.15
N PHE D 167 4.32 -24.38 -12.48
CA PHE D 167 5.23 -24.21 -13.61
C PHE D 167 4.44 -23.94 -14.88
N ASP D 168 3.31 -24.62 -15.05
CA ASP D 168 2.43 -24.40 -16.21
C ASP D 168 1.90 -22.97 -16.24
N ALA D 169 1.46 -22.45 -15.08
CA ALA D 169 0.93 -21.09 -15.02
C ALA D 169 2.01 -20.05 -15.29
N TRP D 170 3.21 -20.25 -14.74
CA TRP D 170 4.32 -19.35 -15.05
C TRP D 170 4.61 -19.36 -16.54
N LYS D 171 4.61 -20.55 -17.14
CA LYS D 171 4.83 -20.65 -18.58
C LYS D 171 3.82 -19.80 -19.33
N ASN D 172 2.52 -20.00 -19.04
CA ASN D 172 1.47 -19.25 -19.72
C ASN D 172 1.60 -17.75 -19.50
N ALA D 173 2.20 -17.33 -18.39
CA ALA D 173 2.41 -15.91 -18.14
C ALA D 173 3.65 -15.37 -18.83
N GLY D 174 4.33 -16.18 -19.64
CA GLY D 174 5.54 -15.73 -20.32
C GLY D 174 6.82 -15.85 -19.56
N LEU D 175 6.85 -16.64 -18.47
CA LEU D 175 8.04 -16.80 -17.65
C LEU D 175 8.73 -18.11 -18.03
N GLU D 176 9.91 -17.99 -18.65
CA GLU D 176 10.64 -19.16 -19.13
C GLU D 176 11.39 -19.85 -17.99
N MET D 177 11.26 -21.17 -17.93
CA MET D 177 11.99 -21.98 -16.96
C MET D 177 13.14 -22.71 -17.65
N GLY D 178 14.26 -22.83 -16.97
CA GLY D 178 15.43 -23.50 -17.52
C GLY D 178 15.53 -24.95 -17.08
N THR D 179 16.77 -25.46 -17.10
CA THR D 179 17.03 -26.81 -16.60
C THR D 179 17.01 -26.79 -15.07
N HIS D 180 16.27 -27.72 -14.48
CA HIS D 180 16.05 -27.68 -13.03
C HIS D 180 17.33 -27.99 -12.26
N ASN D 181 17.63 -27.13 -11.28
CA ASN D 181 18.57 -27.47 -10.20
C ASN D 181 17.74 -27.88 -8.99
N TYR D 182 18.12 -27.48 -7.78
CA TYR D 182 17.43 -28.11 -6.66
C TYR D 182 16.01 -27.56 -6.48
N MET D 183 15.20 -28.33 -5.77
CA MET D 183 13.89 -27.90 -5.32
C MET D 183 13.68 -28.41 -3.90
N ILE D 184 13.35 -27.51 -2.97
CA ILE D 184 13.21 -27.87 -1.57
C ILE D 184 11.96 -27.21 -1.01
N VAL D 185 11.46 -27.76 0.09
CA VAL D 185 10.46 -27.07 0.91
C VAL D 185 11.23 -26.24 1.92
N ALA D 186 11.26 -24.93 1.72
CA ALA D 186 12.22 -24.07 2.38
C ALA D 186 11.57 -23.15 3.41
N THR D 187 12.26 -22.99 4.53
CA THR D 187 11.99 -21.92 5.48
C THR D 187 13.02 -20.82 5.23
N ALA D 188 12.55 -19.60 5.00
CA ALA D 188 13.43 -18.47 4.76
C ALA D 188 13.15 -17.39 5.78
N GLY D 189 14.18 -16.59 6.08
CA GLY D 189 14.04 -15.53 7.06
C GLY D 189 15.00 -14.41 6.77
N TYR D 190 14.63 -13.21 7.21
CA TYR D 190 15.53 -12.06 7.15
C TYR D 190 15.23 -11.14 8.31
N GLN D 191 16.28 -10.77 9.05
CA GLN D 191 16.20 -9.88 10.21
C GLN D 191 14.98 -10.20 11.08
N SER D 192 14.94 -11.46 11.52
CA SER D 192 13.84 -11.94 12.35
C SER D 192 14.35 -13.03 13.30
N SER D 193 13.44 -13.58 14.10
CA SER D 193 13.71 -14.73 14.93
C SER D 193 12.60 -15.75 14.69
N GLY D 194 12.82 -16.98 15.09
CA GLY D 194 11.76 -17.97 14.95
C GLY D 194 12.28 -19.38 15.07
N SER D 195 11.35 -20.32 14.84
CA SER D 195 11.71 -21.72 14.75
C SER D 195 10.76 -22.37 13.75
N ALA D 196 11.20 -23.49 13.19
CA ALA D 196 10.35 -24.26 12.30
C ALA D 196 10.78 -25.71 12.33
N SER D 197 9.82 -26.62 12.14
CA SER D 197 10.13 -28.05 11.99
C SER D 197 9.22 -28.56 10.89
N ILE D 198 9.80 -28.90 9.75
CA ILE D 198 9.05 -29.22 8.54
C ILE D 198 9.44 -30.61 8.08
N THR D 199 8.46 -31.40 7.66
CA THR D 199 8.70 -32.74 7.15
C THR D 199 8.22 -32.81 5.70
N VAL D 200 9.15 -33.10 4.80
CA VAL D 200 8.83 -33.32 3.40
C VAL D 200 8.51 -34.80 3.25
N GLN D 201 7.26 -35.13 2.93
CA GLN D 201 6.84 -36.53 2.85
C GLN D 201 6.52 -36.93 1.42
O1 XYP E . -8.62 7.82 -17.71
C1 XYP E . -8.56 8.29 -19.02
C2 XYP E . -8.74 7.09 -19.94
C3 XYP E . -8.96 7.47 -21.40
C4 XYP E . -9.92 8.65 -21.56
C5 XYP E . -9.57 9.75 -20.57
O2 XYP E . -7.63 6.20 -19.82
O3 XYP E . -9.49 6.32 -22.05
O4 XYP E . -9.45 9.38 -22.62
O5 XYP E . -9.58 9.26 -19.23
C1 XYP E . -10.32 10.07 -23.46
C2 XYP E . -9.63 11.29 -24.06
C3 XYP E . -10.49 11.98 -25.11
C4 XYP E . -11.04 10.98 -26.11
C5 XYP E . -11.71 9.83 -25.37
O2 XYP E . -9.28 12.22 -23.03
O3 XYP E . -9.72 12.96 -25.79
O4 XYP E . -12.00 11.61 -26.97
O5 XYP E . -10.77 9.19 -24.50
ZN ZN F . 5.68 20.86 -1.54
ZN ZN G . -1.58 15.15 -3.30
ZN ZN H . -24.75 15.78 11.99
ZN ZN I . -20.37 12.85 4.74
C1 XYP J . -20.18 -8.70 -3.55
C2 XYP J . -20.62 -9.18 -2.18
C3 XYP J . -19.97 -10.51 -1.84
C4 XYP J . -20.14 -11.51 -2.97
C5 XYP J . -19.70 -10.88 -4.28
O2 XYP J . -20.34 -8.18 -1.20
O3 XYP J . -20.53 -11.03 -0.63
O4 XYP J . -19.39 -12.69 -2.73
O5 XYP J . -20.44 -9.70 -4.54
O1 XYP K . -21.38 -2.53 -4.34
C1 XYP K . -21.21 -3.91 -4.38
C2 XYP K . -21.52 -4.49 -5.74
C3 XYP K . -21.55 -6.00 -5.64
C4 XYP K . -20.43 -6.60 -4.77
C5 XYP K . -19.83 -5.66 -3.73
O2 XYP K . -22.77 -4.00 -6.23
O3 XYP K . -21.53 -6.56 -6.96
O4 XYP K . -20.98 -7.72 -4.08
O5 XYP K . -19.88 -4.28 -4.09
O1 XYP L . 19.42 3.13 9.67
C1 XYP L . 19.57 4.46 9.29
C2 XYP L . 20.82 4.58 8.42
C3 XYP L . 21.02 6.00 7.89
C4 XYP L . 19.73 6.67 7.44
C5 XYP L . 18.55 6.32 8.32
O2 XYP L . 21.97 4.18 9.16
O3 XYP L . 21.95 5.94 6.80
O4 XYP L . 19.92 8.09 7.49
O5 XYP L . 18.45 4.91 8.55
C1 XYP M . 19.19 9.01 6.78
C2 XYP M . 18.78 10.18 7.66
C3 XYP M . 18.41 11.38 6.82
C4 XYP M . 19.48 11.69 5.79
C5 XYP M . 19.86 10.45 5.03
O2 XYP M . 17.70 9.79 8.51
O3 XYP M . 18.22 12.52 7.67
O4 XYP M . 19.01 12.68 4.87
O5 XYP M . 20.26 9.41 5.93
ZN ZN N . -6.97 -20.30 5.99
ZN ZN O . 0.58 -14.85 6.64
C1 XYP P . 21.00 -18.37 -2.11
C2 XYP P . 20.65 -19.83 -2.35
C3 XYP P . 21.84 -20.76 -2.11
C4 XYP P . 23.07 -20.26 -2.85
C5 XYP P . 23.29 -18.77 -2.58
O2 XYP P . 19.54 -20.21 -1.55
O3 XYP P . 21.51 -22.07 -2.56
O4 XYP P . 24.24 -20.98 -2.46
O5 XYP P . 22.12 -18.01 -2.93
O1 XYP Q . 16.42 -13.70 -1.06
C1 XYP Q . 17.05 -14.81 -1.62
C2 XYP Q . 18.07 -14.32 -2.61
C3 XYP Q . 19.10 -15.34 -3.07
C4 XYP Q . 19.50 -16.35 -2.01
C5 XYP Q . 18.30 -16.76 -1.18
O2 XYP Q . 17.40 -13.75 -3.74
O3 XYP Q . 20.26 -14.62 -3.51
O4 XYP Q . 20.06 -17.51 -2.62
O5 XYP Q . 17.67 -15.61 -0.61
#